data_7BTL
#
_entry.id   7BTL
#
_cell.length_a   51.830
_cell.length_b   168.940
_cell.length_c   169.780
_cell.angle_alpha   90.000
_cell.angle_beta   90.000
_cell.angle_gamma   90.000
#
_symmetry.space_group_name_H-M   'P 2 21 21'
#
loop_
_entity.id
_entity.type
_entity.pdbx_description
1 polymer lectin
2 branched alpha-D-mannopyranose-(1-6)-alpha-D-mannopyranose-(1-6)-[alpha-D-mannopyranose-(1-3)]alpha-D-mannopyranose
3 branched alpha-D-mannopyranose-(1-3)-[alpha-D-mannopyranose-(1-6)]alpha-D-mannopyranose
4 branched alpha-D-mannopyranose-(1-6)-alpha-D-mannopyranose
5 non-polymer alpha-D-mannopyranose
6 non-polymer GLYCEROL
7 water water
#
_entity_poly.entity_id   1
_entity_poly.type   'polypeptide(L)'
_entity_poly.pdbx_seq_one_letter_code
;DNYIYSTEVGGVGGTPFTFMQESGTITSIKFNWSDQYKLLHHIEVKFINNANIYATGDPKGNHEVILEIDDDETIIGSVI
GYKKGNDGRCTGVKLTTSKGKSIMAGYFEESLITTYTGKLAGIKGGAGSDIDRLGLIFLK
;
_entity_poly.pdbx_strand_id   B,G,A,D,E,F,C
#
# COMPACT_ATOMS: atom_id res chain seq x y z
N ASP A 1 -33.39 -2.85 -26.46
CA ASP A 1 -32.99 -4.31 -26.50
C ASP A 1 -31.99 -4.51 -25.35
N ASN A 2 -31.17 -5.55 -25.37
CA ASN A 2 -30.55 -6.20 -24.18
C ASN A 2 -29.16 -5.59 -23.93
N TYR A 3 -28.75 -4.56 -24.72
CA TYR A 3 -27.34 -4.23 -25.03
C TYR A 3 -27.03 -2.74 -24.83
N ILE A 4 -25.83 -2.49 -24.33
CA ILE A 4 -25.22 -1.15 -24.16
C ILE A 4 -24.06 -1.04 -25.15
N TYR A 5 -24.11 -0.11 -26.07
CA TYR A 5 -23.05 0.04 -27.10
C TYR A 5 -22.11 1.16 -26.68
N SER A 6 -20.84 0.86 -26.37
CA SER A 6 -19.75 1.84 -26.06
C SER A 6 -19.49 2.62 -27.33
N THR A 7 -19.06 3.86 -27.21
CA THR A 7 -18.73 4.73 -28.37
C THR A 7 -17.64 4.05 -29.20
N GLU A 8 -17.89 3.90 -30.50
CA GLU A 8 -16.85 3.36 -31.40
C GLU A 8 -15.84 4.49 -31.55
N VAL A 9 -14.58 4.26 -31.21
CA VAL A 9 -13.52 5.31 -31.31
C VAL A 9 -12.58 4.91 -32.44
N GLY A 10 -11.89 5.88 -33.03
CA GLY A 10 -11.00 5.71 -34.19
C GLY A 10 -11.59 6.37 -35.41
N GLY A 11 -11.14 5.98 -36.61
CA GLY A 11 -11.47 6.65 -37.88
C GLY A 11 -12.65 6.02 -38.58
N VAL A 12 -12.94 6.42 -39.83
CA VAL A 12 -14.12 5.93 -40.60
C VAL A 12 -13.70 4.77 -41.52
N GLY A 13 -12.40 4.51 -41.64
CA GLY A 13 -11.83 3.52 -42.55
C GLY A 13 -12.16 2.08 -42.19
N GLY A 14 -11.71 1.16 -43.03
CA GLY A 14 -11.81 -0.28 -42.79
C GLY A 14 -13.11 -0.89 -43.30
N THR A 15 -13.10 -2.22 -43.29
CA THR A 15 -14.28 -3.07 -43.56
C THR A 15 -15.07 -3.28 -42.29
N PRO A 16 -16.39 -3.03 -42.31
CA PRO A 16 -17.19 -3.05 -41.05
C PRO A 16 -17.28 -4.47 -40.47
N PHE A 17 -17.46 -4.56 -39.14
CA PHE A 17 -17.67 -5.85 -38.44
C PHE A 17 -18.56 -5.56 -37.23
N THR A 18 -19.49 -6.48 -36.98
CA THR A 18 -20.37 -6.58 -35.78
C THR A 18 -20.44 -8.04 -35.37
N PHE A 19 -19.75 -8.38 -34.28
CA PHE A 19 -19.67 -9.75 -33.72
C PHE A 19 -20.40 -9.75 -32.39
N MET A 20 -21.60 -10.32 -32.41
CA MET A 20 -22.46 -10.54 -31.20
C MET A 20 -23.26 -11.82 -31.45
N GLN A 21 -23.65 -12.52 -30.37
CA GLN A 21 -24.55 -13.69 -30.41
C GLN A 21 -25.66 -13.44 -29.40
N GLU A 22 -26.92 -13.63 -29.82
CA GLU A 22 -28.13 -13.54 -28.97
C GLU A 22 -27.95 -14.58 -27.85
N SER A 23 -28.21 -14.22 -26.59
CA SER A 23 -28.07 -15.17 -25.42
C SER A 23 -26.68 -15.85 -25.47
N GLY A 24 -25.65 -15.05 -25.71
CA GLY A 24 -24.22 -15.42 -25.72
C GLY A 24 -23.39 -14.23 -25.29
N THR A 25 -22.21 -14.52 -24.78
CA THR A 25 -21.23 -13.51 -24.28
C THR A 25 -19.84 -13.95 -24.72
N ILE A 26 -18.91 -13.00 -24.69
CA ILE A 26 -17.51 -13.28 -25.12
C ILE A 26 -16.84 -14.11 -24.00
N THR A 27 -16.15 -15.17 -24.42
CA THR A 27 -15.38 -16.12 -23.57
C THR A 27 -13.89 -15.93 -23.81
N SER A 28 -13.51 -15.33 -24.93
CA SER A 28 -12.09 -15.07 -25.20
C SER A 28 -11.97 -13.95 -26.24
N ILE A 29 -10.89 -13.19 -26.12
CA ILE A 29 -10.68 -11.99 -26.97
C ILE A 29 -9.18 -11.80 -27.09
N LYS A 30 -8.73 -11.57 -28.32
CA LYS A 30 -7.30 -11.50 -28.67
C LYS A 30 -7.06 -10.17 -29.36
N PHE A 31 -6.02 -9.46 -28.96
CA PHE A 31 -5.57 -8.22 -29.63
C PHE A 31 -4.18 -8.45 -30.18
N ASN A 32 -3.97 -8.07 -31.43
CA ASN A 32 -2.69 -8.16 -32.18
C ASN A 32 -2.27 -6.74 -32.46
N TRP A 33 -1.02 -6.38 -32.22
CA TRP A 33 -0.53 -4.99 -32.37
C TRP A 33 0.96 -5.00 -32.73
N SER A 34 1.47 -3.87 -33.18
CA SER A 34 2.85 -3.72 -33.67
C SER A 34 3.51 -2.60 -32.89
N ASP A 35 4.78 -2.81 -32.60
CA ASP A 35 5.65 -1.72 -32.10
C ASP A 35 5.94 -0.78 -33.27
N GLN A 36 6.10 -1.33 -34.48
CA GLN A 36 6.42 -0.55 -35.71
C GLN A 36 5.43 0.60 -35.89
N TYR A 37 4.13 0.34 -35.91
CA TYR A 37 3.07 1.33 -36.21
C TYR A 37 2.35 1.85 -34.95
N LYS A 38 2.54 1.21 -33.81
CA LYS A 38 1.94 1.59 -32.52
C LYS A 38 0.43 1.59 -32.71
N LEU A 39 -0.06 0.53 -33.37
CA LEU A 39 -1.50 0.36 -33.70
C LEU A 39 -1.96 -1.03 -33.28
N LEU A 40 -3.25 -1.17 -33.04
CA LEU A 40 -3.92 -2.48 -33.14
C LEU A 40 -4.13 -2.81 -34.62
N HIS A 41 -3.96 -4.06 -35.01
CA HIS A 41 -4.04 -4.56 -36.40
C HIS A 41 -5.15 -5.62 -36.53
N HIS A 42 -5.39 -6.40 -35.50
CA HIS A 42 -6.23 -7.61 -35.64
C HIS A 42 -6.81 -7.96 -34.25
N ILE A 43 -8.05 -8.40 -34.23
CA ILE A 43 -8.83 -8.83 -33.05
C ILE A 43 -9.53 -10.15 -33.38
N GLU A 44 -9.66 -11.05 -32.41
CA GLU A 44 -10.50 -12.26 -32.56
C GLU A 44 -11.30 -12.44 -31.28
N VAL A 45 -12.45 -13.03 -31.47
CA VAL A 45 -13.42 -13.20 -30.39
C VAL A 45 -13.93 -14.63 -30.53
N LYS A 46 -14.16 -15.27 -29.38
CA LYS A 46 -14.97 -16.51 -29.30
C LYS A 46 -16.11 -16.24 -28.35
N PHE A 47 -17.23 -16.84 -28.63
CA PHE A 47 -18.41 -16.80 -27.73
C PHE A 47 -18.52 -18.15 -27.04
N ILE A 48 -19.23 -18.15 -25.92
CA ILE A 48 -19.62 -19.31 -25.07
C ILE A 48 -20.13 -20.49 -25.93
N ASN A 49 -19.62 -21.68 -25.65
CA ASN A 49 -20.02 -23.00 -26.20
C ASN A 49 -20.09 -22.88 -27.74
N ASN A 50 -18.96 -22.53 -28.36
CA ASN A 50 -18.80 -22.25 -29.82
C ASN A 50 -17.31 -21.96 -30.02
N ALA A 51 -16.69 -22.77 -30.86
CA ALA A 51 -15.21 -22.84 -31.01
C ALA A 51 -14.81 -22.02 -32.22
N ASN A 52 -15.81 -21.42 -32.89
CA ASN A 52 -15.54 -20.57 -34.09
C ASN A 52 -15.07 -19.21 -33.62
N ILE A 53 -13.99 -18.80 -34.28
CA ILE A 53 -13.26 -17.56 -34.07
C ILE A 53 -13.77 -16.55 -35.12
N TYR A 54 -14.35 -15.45 -34.64
CA TYR A 54 -14.77 -14.26 -35.39
C TYR A 54 -13.60 -13.28 -35.36
N ALA A 55 -12.89 -13.15 -36.48
CA ALA A 55 -11.65 -12.37 -36.64
C ALA A 55 -11.94 -11.20 -37.57
N THR A 56 -11.18 -10.15 -37.40
CA THR A 56 -11.21 -8.95 -38.25
C THR A 56 -9.82 -8.34 -38.21
N GLY A 57 -9.41 -7.75 -39.32
CA GLY A 57 -8.09 -7.07 -39.41
C GLY A 57 -7.00 -8.00 -39.84
N ASP A 58 -5.83 -7.47 -40.09
CA ASP A 58 -4.66 -8.20 -40.67
C ASP A 58 -3.73 -8.56 -39.50
N PRO A 59 -3.52 -9.85 -39.21
CA PRO A 59 -2.66 -10.26 -38.10
C PRO A 59 -1.15 -10.04 -38.36
N LYS A 60 -0.74 -8.82 -38.64
CA LYS A 60 0.63 -8.46 -39.06
C LYS A 60 1.45 -7.87 -37.88
N GLY A 61 0.85 -7.68 -36.71
CA GLY A 61 1.54 -7.15 -35.50
C GLY A 61 2.56 -8.17 -34.98
N ASN A 62 3.63 -7.69 -34.32
CA ASN A 62 4.64 -8.57 -33.64
C ASN A 62 4.24 -9.01 -32.21
N HIS A 63 3.04 -8.69 -31.72
CA HIS A 63 2.57 -9.03 -30.35
C HIS A 63 1.10 -9.43 -30.39
N GLU A 64 0.68 -10.43 -29.62
CA GLU A 64 -0.75 -10.64 -29.35
C GLU A 64 -0.95 -10.91 -27.84
N VAL A 65 -2.14 -10.65 -27.33
CA VAL A 65 -2.61 -10.97 -25.96
C VAL A 65 -3.95 -11.59 -26.07
N ILE A 66 -4.21 -12.56 -25.22
CA ILE A 66 -5.55 -13.19 -25.06
C ILE A 66 -6.03 -12.96 -23.64
N LEU A 67 -7.28 -12.54 -23.50
CA LEU A 67 -8.02 -12.68 -22.23
C LEU A 67 -9.09 -13.73 -22.40
N GLU A 68 -9.14 -14.66 -21.45
CA GLU A 68 -10.25 -15.63 -21.28
C GLU A 68 -11.15 -15.16 -20.14
N ILE A 69 -12.46 -15.30 -20.29
CA ILE A 69 -13.48 -14.74 -19.37
C ILE A 69 -14.37 -15.89 -18.88
N ASP A 70 -14.33 -16.17 -17.57
CA ASP A 70 -15.18 -17.23 -16.92
C ASP A 70 -16.61 -16.78 -17.24
N ASP A 71 -17.59 -17.67 -17.25
CA ASP A 71 -19.00 -17.33 -17.60
C ASP A 71 -19.57 -16.26 -16.65
N ASP A 72 -19.20 -16.25 -15.38
CA ASP A 72 -19.75 -15.31 -14.36
C ASP A 72 -18.83 -14.08 -14.20
N GLU A 73 -17.87 -13.84 -15.10
CA GLU A 73 -16.80 -12.79 -14.97
C GLU A 73 -17.12 -11.58 -15.84
N THR A 74 -17.14 -10.37 -15.26
CA THR A 74 -17.50 -9.09 -15.91
C THR A 74 -16.24 -8.25 -16.13
N ILE A 75 -16.33 -7.25 -16.99
CA ILE A 75 -15.27 -6.22 -17.17
C ILE A 75 -15.60 -5.08 -16.19
N ILE A 76 -14.71 -4.73 -15.28
CA ILE A 76 -14.92 -3.61 -14.31
C ILE A 76 -14.08 -2.39 -14.71
N GLY A 77 -13.10 -2.59 -15.58
CA GLY A 77 -12.15 -1.54 -16.03
C GLY A 77 -11.91 -1.72 -17.51
N SER A 78 -11.93 -0.66 -18.30
CA SER A 78 -11.89 -0.77 -19.75
C SER A 78 -11.50 0.58 -20.39
N VAL A 79 -10.38 0.59 -21.08
CA VAL A 79 -9.76 1.78 -21.73
C VAL A 79 -9.31 1.40 -23.14
N ILE A 80 -9.67 2.20 -24.14
CA ILE A 80 -9.18 2.05 -25.54
C ILE A 80 -8.43 3.31 -25.89
N GLY A 81 -7.17 3.13 -26.20
CA GLY A 81 -6.34 4.19 -26.78
C GLY A 81 -6.56 4.24 -28.28
N TYR A 82 -6.58 5.44 -28.83
CA TYR A 82 -6.86 5.67 -30.26
C TYR A 82 -6.31 7.01 -30.71
N LYS A 83 -6.25 7.18 -32.05
CA LYS A 83 -6.05 8.45 -32.78
C LYS A 83 -7.41 8.94 -33.24
N LYS A 84 -7.77 10.16 -32.88
CA LYS A 84 -9.09 10.77 -33.20
C LYS A 84 -9.09 11.23 -34.67
N GLY A 85 -10.30 11.46 -35.17
CA GLY A 85 -10.58 12.04 -36.49
C GLY A 85 -10.95 10.98 -37.54
N ASN A 86 -11.22 11.43 -38.77
CA ASN A 86 -11.73 10.56 -39.86
C ASN A 86 -10.63 9.56 -40.25
N ASP A 87 -9.35 9.99 -40.28
CA ASP A 87 -8.22 9.08 -40.58
C ASP A 87 -7.63 8.48 -39.30
N GLY A 88 -8.45 8.31 -38.27
CA GLY A 88 -8.05 7.71 -36.98
C GLY A 88 -7.92 6.19 -37.01
N ARG A 89 -7.41 5.64 -35.91
CA ARG A 89 -6.96 4.24 -35.66
C ARG A 89 -7.12 3.90 -34.17
N CYS A 90 -7.32 2.64 -33.82
CA CYS A 90 -7.16 2.14 -32.42
C CYS A 90 -5.72 1.76 -32.19
N THR A 91 -5.16 2.22 -31.10
CA THR A 91 -3.73 2.10 -30.77
C THR A 91 -3.55 1.12 -29.61
N GLY A 92 -4.55 0.95 -28.72
CA GLY A 92 -4.35 0.18 -27.49
C GLY A 92 -5.63 -0.21 -26.79
N VAL A 93 -5.57 -1.22 -25.93
CA VAL A 93 -6.72 -1.67 -25.08
C VAL A 93 -6.21 -2.17 -23.74
N LYS A 94 -6.94 -1.85 -22.69
CA LYS A 94 -6.63 -2.26 -21.28
C LYS A 94 -7.96 -2.76 -20.76
N LEU A 95 -8.02 -4.03 -20.31
CA LEU A 95 -9.24 -4.57 -19.68
C LEU A 95 -8.89 -5.14 -18.32
N THR A 96 -9.79 -5.00 -17.35
CA THR A 96 -9.68 -5.54 -15.97
C THR A 96 -11.03 -6.17 -15.62
N THR A 97 -11.03 -7.34 -14.97
CA THR A 97 -12.25 -8.14 -14.73
C THR A 97 -12.63 -8.17 -13.24
N SER A 98 -13.86 -8.56 -12.94
CA SER A 98 -14.40 -8.76 -11.57
C SER A 98 -13.60 -9.84 -10.83
N LYS A 99 -12.68 -10.57 -11.50
CA LYS A 99 -11.86 -11.61 -10.83
C LYS A 99 -10.40 -11.17 -10.78
N GLY A 100 -10.11 -9.88 -10.97
CA GLY A 100 -8.77 -9.33 -10.82
C GLY A 100 -7.84 -9.68 -11.98
N LYS A 101 -8.37 -10.21 -13.11
CA LYS A 101 -7.53 -10.48 -14.31
C LYS A 101 -7.39 -9.17 -15.12
N SER A 102 -6.25 -8.89 -15.70
CA SER A 102 -6.14 -7.78 -16.68
C SER A 102 -5.25 -8.14 -17.86
N ILE A 103 -5.47 -7.45 -18.98
CA ILE A 103 -4.59 -7.46 -20.18
C ILE A 103 -4.31 -6.02 -20.58
N MET A 104 -3.24 -5.88 -21.31
CA MET A 104 -2.79 -4.61 -21.90
C MET A 104 -2.32 -4.96 -23.30
N ALA A 105 -2.87 -4.32 -24.35
CA ALA A 105 -2.34 -4.38 -25.72
C ALA A 105 -2.03 -2.99 -26.24
N GLY A 106 -0.88 -2.82 -26.86
CA GLY A 106 -0.56 -1.68 -27.74
C GLY A 106 -0.24 -0.38 -26.98
N TYR A 107 -0.61 0.78 -27.52
CA TYR A 107 -0.13 2.11 -27.08
C TYR A 107 -1.30 3.05 -26.82
N PHE A 108 -1.00 4.12 -26.08
CA PHE A 108 -1.98 5.01 -25.41
C PHE A 108 -1.49 6.47 -25.50
N GLU A 109 -1.03 6.93 -26.65
CA GLU A 109 -0.23 8.18 -26.69
C GLU A 109 -1.10 9.37 -27.12
N GLU A 110 -2.34 9.17 -27.54
CA GLU A 110 -3.13 10.32 -28.00
C GLU A 110 -4.43 10.49 -27.21
N SER A 111 -5.48 9.75 -27.61
CA SER A 111 -6.86 9.82 -27.09
C SER A 111 -7.15 8.51 -26.35
N LEU A 112 -8.05 8.61 -25.38
CA LEU A 112 -8.48 7.51 -24.50
C LEU A 112 -9.96 7.58 -24.38
N ILE A 113 -10.61 6.43 -24.34
CA ILE A 113 -11.97 6.34 -23.79
C ILE A 113 -11.94 5.35 -22.64
N THR A 114 -12.65 5.74 -21.58
CA THR A 114 -12.95 4.91 -20.42
C THR A 114 -14.39 4.54 -20.59
N THR A 115 -14.65 3.27 -20.89
CA THR A 115 -15.95 2.86 -21.43
C THR A 115 -16.89 2.50 -20.30
N TYR A 116 -18.13 2.28 -20.67
CA TYR A 116 -19.07 1.44 -19.92
C TYR A 116 -18.36 0.14 -19.52
N THR A 117 -18.84 -0.44 -18.45
CA THR A 117 -18.41 -1.71 -17.83
C THR A 117 -19.58 -2.64 -17.81
N GLY A 118 -19.31 -3.92 -17.57
CA GLY A 118 -20.35 -4.96 -17.46
C GLY A 118 -19.91 -6.22 -18.15
N LYS A 119 -20.87 -7.05 -18.49
CA LYS A 119 -20.56 -8.38 -19.09
C LYS A 119 -20.32 -8.15 -20.59
N LEU A 120 -19.12 -8.47 -21.07
CA LEU A 120 -18.73 -8.18 -22.47
C LEU A 120 -19.49 -9.11 -23.43
N ALA A 121 -20.35 -8.56 -24.30
CA ALA A 121 -21.22 -9.37 -25.22
C ALA A 121 -20.72 -9.31 -26.68
N GLY A 122 -20.02 -8.26 -27.07
CA GLY A 122 -19.65 -8.14 -28.50
C GLY A 122 -18.64 -7.04 -28.75
N ILE A 123 -18.24 -6.92 -29.99
CA ILE A 123 -17.43 -5.77 -30.52
C ILE A 123 -17.97 -5.33 -31.88
N LYS A 124 -17.81 -4.06 -32.22
CA LYS A 124 -18.29 -3.52 -33.51
C LYS A 124 -17.21 -2.52 -33.97
N GLY A 125 -17.06 -2.25 -35.25
CA GLY A 125 -16.14 -1.22 -35.76
C GLY A 125 -15.79 -1.44 -37.23
N GLY A 126 -14.57 -1.14 -37.58
CA GLY A 126 -14.03 -1.37 -38.92
C GLY A 126 -12.55 -1.70 -38.82
N ALA A 127 -12.09 -2.57 -39.71
CA ALA A 127 -10.69 -2.98 -39.82
C ALA A 127 -10.32 -3.37 -41.25
N GLY A 128 -9.07 -3.09 -41.58
CA GLY A 128 -8.42 -3.53 -42.83
C GLY A 128 -7.04 -3.99 -42.51
N SER A 129 -6.03 -3.17 -42.78
CA SER A 129 -4.62 -3.45 -42.36
C SER A 129 -4.51 -3.25 -40.83
N ASP A 130 -5.41 -2.39 -40.32
CA ASP A 130 -5.38 -1.87 -38.94
C ASP A 130 -6.79 -2.05 -38.35
N ILE A 131 -6.92 -1.89 -37.04
CA ILE A 131 -8.24 -1.63 -36.43
C ILE A 131 -8.48 -0.15 -36.54
N ASP A 132 -9.32 0.26 -37.48
CA ASP A 132 -9.58 1.70 -37.74
C ASP A 132 -10.38 2.20 -36.57
N ARG A 133 -11.25 1.33 -36.04
CA ARG A 133 -12.38 1.78 -35.21
C ARG A 133 -12.89 0.60 -34.39
N LEU A 134 -13.20 0.84 -33.11
CA LEU A 134 -13.63 -0.22 -32.17
C LEU A 134 -14.62 0.34 -31.12
N GLY A 135 -15.69 -0.39 -30.88
CA GLY A 135 -16.59 -0.13 -29.78
C GLY A 135 -16.94 -1.46 -29.13
N LEU A 136 -16.96 -1.44 -27.80
CA LEU A 136 -17.28 -2.65 -27.01
C LEU A 136 -18.78 -2.65 -26.87
N ILE A 137 -19.33 -3.80 -26.55
CA ILE A 137 -20.81 -3.96 -26.38
C ILE A 137 -21.03 -4.78 -25.14
N PHE A 138 -21.89 -4.32 -24.22
CA PHE A 138 -22.16 -5.01 -22.92
C PHE A 138 -23.63 -5.42 -22.81
N LEU A 139 -24.00 -6.29 -21.86
CA LEU A 139 -25.43 -6.51 -21.44
C LEU A 139 -25.87 -5.45 -20.42
N LYS A 140 -27.03 -5.62 -19.74
CA LYS A 140 -27.58 -4.59 -18.78
C LYS A 140 -27.74 -5.12 -17.34
N ASP B 1 -34.44 24.61 -6.83
CA ASP B 1 -34.01 23.82 -8.05
C ASP B 1 -33.93 22.36 -7.62
N ASN B 2 -33.88 21.44 -8.59
CA ASN B 2 -33.68 19.97 -8.31
C ASN B 2 -32.20 19.63 -8.52
N TYR B 3 -31.34 20.66 -8.67
CA TYR B 3 -29.91 20.60 -9.06
C TYR B 3 -28.98 21.33 -8.06
N ILE B 4 -27.71 20.96 -8.04
CA ILE B 4 -26.61 21.63 -7.30
C ILE B 4 -25.59 22.13 -8.31
N TYR B 5 -25.34 23.42 -8.37
CA TYR B 5 -24.36 24.04 -9.28
C TYR B 5 -22.99 24.17 -8.61
N SER B 6 -21.96 23.47 -9.10
CA SER B 6 -20.51 23.67 -8.75
C SER B 6 -20.12 25.06 -9.19
N THR B 7 -19.17 25.66 -8.52
CA THR B 7 -18.55 26.96 -8.91
C THR B 7 -18.03 26.81 -10.33
N GLU B 8 -18.43 27.73 -11.21
CA GLU B 8 -17.85 27.84 -12.56
C GLU B 8 -16.49 28.47 -12.39
N VAL B 9 -15.44 27.89 -12.94
CA VAL B 9 -14.08 28.44 -12.71
C VAL B 9 -13.43 28.89 -14.01
N GLY B 10 -12.51 29.82 -13.85
CA GLY B 10 -11.59 30.52 -14.80
C GLY B 10 -12.07 31.90 -15.24
N GLY B 11 -13.08 32.06 -16.08
CA GLY B 11 -13.39 33.45 -16.45
C GLY B 11 -14.75 33.72 -17.07
N VAL B 12 -14.84 34.90 -17.69
CA VAL B 12 -16.05 35.44 -18.35
C VAL B 12 -15.77 35.69 -19.84
N GLY B 13 -14.56 35.39 -20.33
CA GLY B 13 -14.10 35.63 -21.72
C GLY B 13 -14.45 34.50 -22.74
N GLY B 14 -15.72 34.35 -23.15
CA GLY B 14 -16.19 33.26 -24.02
C GLY B 14 -17.53 33.48 -24.66
N THR B 15 -18.54 32.64 -24.34
CA THR B 15 -19.97 32.75 -24.69
C THR B 15 -20.73 31.71 -23.86
N PRO B 16 -21.73 32.10 -23.02
CA PRO B 16 -22.44 31.19 -22.13
C PRO B 16 -23.12 29.98 -22.78
N PHE B 17 -23.14 28.87 -22.05
CA PHE B 17 -23.79 27.60 -22.42
C PHE B 17 -24.33 26.96 -21.14
N THR B 18 -25.47 26.28 -21.25
CA THR B 18 -26.02 25.35 -20.23
C THR B 18 -26.52 24.09 -20.96
N PHE B 19 -25.88 22.95 -20.66
CA PHE B 19 -26.30 21.60 -21.09
C PHE B 19 -26.83 20.86 -19.87
N MET B 20 -28.15 20.76 -19.80
CA MET B 20 -29.00 19.95 -18.89
C MET B 20 -30.28 19.62 -19.66
N GLN B 21 -31.07 18.65 -19.23
CA GLN B 21 -32.33 18.20 -19.87
C GLN B 21 -33.10 17.36 -18.81
N GLU B 22 -34.43 17.38 -18.82
CA GLU B 22 -35.25 16.35 -18.12
C GLU B 22 -34.94 14.96 -18.72
N SER B 23 -34.67 14.86 -20.04
CA SER B 23 -34.10 13.69 -20.79
C SER B 23 -33.24 12.82 -19.86
N GLY B 24 -32.50 13.44 -18.95
CA GLY B 24 -31.90 12.81 -17.74
C GLY B 24 -30.48 13.32 -17.56
N THR B 25 -29.61 12.45 -17.09
CA THR B 25 -28.25 12.74 -16.57
C THR B 25 -27.21 12.50 -17.66
N ILE B 26 -25.97 12.90 -17.43
CA ILE B 26 -24.90 12.72 -18.45
C ILE B 26 -24.50 11.23 -18.53
N THR B 27 -24.45 10.68 -19.75
CA THR B 27 -24.05 9.28 -20.09
C THR B 27 -22.66 9.25 -20.73
N SER B 28 -22.22 10.37 -21.26
CA SER B 28 -20.87 10.44 -21.84
C SER B 28 -20.45 11.92 -21.92
N ILE B 29 -19.16 12.14 -21.71
CA ILE B 29 -18.55 13.48 -21.73
C ILE B 29 -17.16 13.31 -22.32
N LYS B 30 -16.82 14.23 -23.20
CA LYS B 30 -15.55 14.27 -23.93
C LYS B 30 -14.86 15.60 -23.62
N PHE B 31 -13.55 15.55 -23.38
CA PHE B 31 -12.75 16.77 -23.21
C PHE B 31 -11.67 16.74 -24.29
N ASN B 32 -11.55 17.87 -24.99
CA ASN B 32 -10.57 18.09 -26.06
C ASN B 32 -9.60 19.15 -25.53
N TRP B 33 -8.31 18.90 -25.64
CA TRP B 33 -7.32 19.84 -25.09
C TRP B 33 -6.05 19.79 -25.96
N SER B 34 -5.19 20.78 -25.78
CA SER B 34 -3.97 20.97 -26.60
C SER B 34 -2.77 20.98 -25.69
N ASP B 35 -1.68 20.39 -26.15
CA ASP B 35 -0.36 20.56 -25.51
C ASP B 35 0.10 22.00 -25.82
N GLN B 36 -0.19 22.52 -27.01
CA GLN B 36 0.26 23.86 -27.45
C GLN B 36 -0.16 24.93 -26.42
N TYR B 37 -1.44 25.02 -26.05
CA TYR B 37 -1.99 26.07 -25.18
C TYR B 37 -2.24 25.59 -23.75
N LYS B 38 -2.18 24.28 -23.50
CA LYS B 38 -2.35 23.69 -22.15
C LYS B 38 -3.72 24.10 -21.64
N LEU B 39 -4.72 24.02 -22.53
CA LEU B 39 -6.10 24.44 -22.24
C LEU B 39 -7.06 23.33 -22.64
N LEU B 40 -8.24 23.33 -22.03
CA LEU B 40 -9.43 22.72 -22.62
C LEU B 40 -9.97 23.66 -23.71
N HIS B 41 -10.42 23.10 -24.82
CA HIS B 41 -10.88 23.84 -26.03
C HIS B 41 -12.33 23.48 -26.32
N HIS B 42 -12.70 22.25 -26.02
CA HIS B 42 -13.97 21.72 -26.54
C HIS B 42 -14.41 20.59 -25.62
N ILE B 43 -15.71 20.57 -25.36
CA ILE B 43 -16.40 19.55 -24.53
C ILE B 43 -17.62 19.08 -25.31
N GLU B 44 -17.96 17.79 -25.19
CA GLU B 44 -19.21 17.26 -25.74
C GLU B 44 -19.86 16.38 -24.69
N VAL B 45 -21.17 16.35 -24.74
CA VAL B 45 -21.94 15.71 -23.68
C VAL B 45 -23.09 15.04 -24.40
N LYS B 46 -23.42 13.84 -23.94
CA LYS B 46 -24.65 13.14 -24.34
C LYS B 46 -25.40 12.85 -23.04
N PHE B 47 -26.72 12.91 -23.13
CA PHE B 47 -27.60 12.58 -22.01
C PHE B 47 -28.21 11.23 -22.30
N ILE B 48 -28.67 10.59 -21.24
CA ILE B 48 -29.60 9.43 -21.21
C ILE B 48 -30.79 9.67 -22.13
N ASN B 49 -31.12 8.65 -22.95
CA ASN B 49 -32.32 8.57 -23.82
C ASN B 49 -32.40 9.85 -24.64
N ASN B 50 -31.36 10.14 -25.41
CA ASN B 50 -31.17 11.36 -26.23
C ASN B 50 -29.83 11.21 -26.96
N ALA B 51 -29.88 11.20 -28.27
CA ALA B 51 -28.74 10.81 -29.14
C ALA B 51 -28.13 12.08 -29.68
N ASN B 52 -28.63 13.25 -29.28
CA ASN B 52 -28.02 14.56 -29.66
C ASN B 52 -26.77 14.80 -28.81
N ILE B 53 -25.72 15.22 -29.53
CA ILE B 53 -24.38 15.53 -28.98
C ILE B 53 -24.32 17.05 -28.83
N TYR B 54 -24.24 17.52 -27.59
CA TYR B 54 -24.18 18.96 -27.23
C TYR B 54 -22.74 19.33 -27.02
N ALA B 55 -22.19 20.10 -27.95
CA ALA B 55 -20.79 20.50 -28.08
C ALA B 55 -20.72 22.02 -27.80
N THR B 56 -19.56 22.47 -27.37
CA THR B 56 -19.25 23.91 -27.25
C THR B 56 -17.73 24.01 -27.29
N GLY B 57 -17.25 25.11 -27.84
CA GLY B 57 -15.81 25.32 -27.97
C GLY B 57 -15.33 24.80 -29.28
N ASP B 58 -14.08 25.10 -29.61
CA ASP B 58 -13.42 24.79 -30.89
C ASP B 58 -12.62 23.51 -30.72
N PRO B 59 -12.97 22.41 -31.43
CA PRO B 59 -12.25 21.14 -31.28
C PRO B 59 -10.88 21.15 -31.94
N LYS B 60 -9.99 22.02 -31.50
CA LYS B 60 -8.67 22.25 -32.14
C LYS B 60 -7.54 21.57 -31.38
N GLY B 61 -7.84 20.96 -30.24
CA GLY B 61 -6.83 20.24 -29.41
C GLY B 61 -6.32 18.99 -30.06
N ASN B 62 -5.09 18.59 -29.77
CA ASN B 62 -4.47 17.32 -30.28
C ASN B 62 -4.78 16.10 -29.38
N HIS B 63 -5.63 16.22 -28.36
CA HIS B 63 -5.96 15.12 -27.41
C HIS B 63 -7.44 15.16 -27.10
N GLU B 64 -8.09 14.00 -27.00
CA GLU B 64 -9.43 13.95 -26.37
C GLU B 64 -9.49 12.74 -25.43
N VAL B 65 -10.39 12.81 -24.44
CA VAL B 65 -10.74 11.67 -23.56
C VAL B 65 -12.22 11.61 -23.53
N ILE B 66 -12.74 10.40 -23.43
CA ILE B 66 -14.21 10.20 -23.18
C ILE B 66 -14.36 9.43 -21.88
N LEU B 67 -15.27 9.87 -21.04
CA LEU B 67 -15.78 9.06 -19.91
C LEU B 67 -17.23 8.71 -20.24
N GLU B 68 -17.54 7.44 -20.16
CA GLU B 68 -18.92 6.91 -20.23
C GLU B 68 -19.38 6.57 -18.82
N ILE B 69 -20.62 6.92 -18.51
CA ILE B 69 -21.15 6.81 -17.12
C ILE B 69 -22.40 5.91 -17.14
N ASP B 70 -22.31 4.76 -16.46
CA ASP B 70 -23.46 3.82 -16.28
C ASP B 70 -24.56 4.69 -15.62
N ASP B 71 -25.83 4.35 -15.76
CA ASP B 71 -26.96 5.22 -15.32
C ASP B 71 -26.90 5.40 -13.79
N ASP B 72 -26.48 4.37 -13.04
CA ASP B 72 -26.45 4.37 -11.56
C ASP B 72 -25.07 4.81 -11.04
N GLU B 73 -24.20 5.41 -11.86
CA GLU B 73 -22.76 5.68 -11.55
C GLU B 73 -22.59 7.19 -11.23
N THR B 74 -22.01 7.48 -10.06
CA THR B 74 -21.87 8.86 -9.53
C THR B 74 -20.41 9.27 -9.62
N ILE B 75 -20.16 10.56 -9.53
CA ILE B 75 -18.79 11.14 -9.40
C ILE B 75 -18.49 11.21 -7.91
N ILE B 76 -17.40 10.57 -7.44
CA ILE B 76 -17.03 10.58 -6.00
C ILE B 76 -15.82 11.48 -5.79
N GLY B 77 -15.13 11.85 -6.86
CA GLY B 77 -13.94 12.73 -6.83
C GLY B 77 -13.90 13.55 -8.10
N SER B 78 -13.51 14.81 -8.01
CA SER B 78 -13.63 15.75 -9.14
C SER B 78 -12.77 16.98 -8.92
N VAL B 79 -11.85 17.24 -9.83
CA VAL B 79 -10.86 18.35 -9.78
C VAL B 79 -10.80 19.04 -11.14
N ILE B 80 -10.94 20.36 -11.16
CA ILE B 80 -10.82 21.16 -12.42
C ILE B 80 -9.64 22.09 -12.23
N GLY B 81 -8.70 21.94 -13.11
CA GLY B 81 -7.55 22.85 -13.22
C GLY B 81 -7.97 24.04 -14.05
N TYR B 82 -7.50 25.23 -13.68
CA TYR B 82 -7.87 26.48 -14.37
C TYR B 82 -6.85 27.57 -14.10
N LYS B 83 -6.90 28.61 -14.95
CA LYS B 83 -6.23 29.94 -14.78
C LYS B 83 -7.28 30.90 -14.22
N LYS B 84 -6.97 31.51 -13.08
CA LYS B 84 -7.94 32.37 -12.33
C LYS B 84 -8.06 33.76 -12.96
N GLY B 85 -9.15 34.45 -12.65
CA GLY B 85 -9.36 35.82 -13.10
C GLY B 85 -10.56 36.02 -14.01
N ASN B 86 -10.54 37.13 -14.74
CA ASN B 86 -11.59 37.54 -15.70
C ASN B 86 -11.17 37.07 -17.09
N ASP B 87 -9.87 36.99 -17.33
CA ASP B 87 -9.35 36.43 -18.60
C ASP B 87 -8.91 34.99 -18.30
N GLY B 88 -9.60 34.33 -17.39
CA GLY B 88 -9.29 32.93 -17.02
C GLY B 88 -9.75 31.92 -18.07
N ARG B 89 -9.23 30.68 -17.94
CA ARG B 89 -9.47 29.51 -18.83
C ARG B 89 -9.53 28.22 -17.98
N CYS B 90 -10.25 27.19 -18.42
CA CYS B 90 -10.12 25.81 -17.86
C CYS B 90 -8.98 25.11 -18.57
N THR B 91 -8.09 24.52 -17.77
CA THR B 91 -6.87 23.90 -18.27
C THR B 91 -6.99 22.38 -18.19
N GLY B 92 -7.83 21.84 -17.29
CA GLY B 92 -7.79 20.40 -16.99
C GLY B 92 -8.99 19.92 -16.21
N VAL B 93 -9.28 18.61 -16.28
CA VAL B 93 -10.36 17.95 -15.50
C VAL B 93 -9.94 16.53 -15.15
N LYS B 94 -10.25 16.12 -13.94
CA LYS B 94 -9.95 14.79 -13.36
C LYS B 94 -11.27 14.36 -12.75
N LEU B 95 -11.81 13.22 -13.16
CA LEU B 95 -13.05 12.67 -12.57
C LEU B 95 -12.77 11.24 -12.12
N THR B 96 -13.35 10.85 -10.98
CA THR B 96 -13.33 9.47 -10.45
C THR B 96 -14.75 9.10 -10.04
N THR B 97 -15.16 7.85 -10.36
CA THR B 97 -16.58 7.43 -10.22
C THR B 97 -16.76 6.38 -9.14
N SER B 98 -18.01 6.16 -8.71
CA SER B 98 -18.41 5.12 -7.72
C SER B 98 -18.05 3.73 -8.22
N LYS B 99 -17.64 3.56 -9.47
CA LYS B 99 -17.30 2.23 -10.04
C LYS B 99 -15.78 2.15 -10.29
N GLY B 100 -14.99 3.04 -9.70
CA GLY B 100 -13.51 2.98 -9.81
C GLY B 100 -12.99 3.43 -11.18
N LYS B 101 -13.81 4.05 -12.03
CA LYS B 101 -13.37 4.61 -13.33
C LYS B 101 -12.76 5.99 -13.08
N SER B 102 -11.67 6.35 -13.77
CA SER B 102 -11.22 7.77 -13.74
C SER B 102 -10.70 8.20 -15.10
N ILE B 103 -10.76 9.51 -15.34
CA ILE B 103 -10.19 10.20 -16.52
C ILE B 103 -9.40 11.41 -16.08
N MET B 104 -8.46 11.79 -16.90
CA MET B 104 -7.53 12.90 -16.65
C MET B 104 -7.39 13.59 -18.01
N ALA B 105 -7.81 14.83 -18.12
CA ALA B 105 -7.67 15.63 -19.38
C ALA B 105 -6.96 16.95 -19.07
N GLY B 106 -5.97 17.29 -19.87
CA GLY B 106 -5.32 18.61 -19.88
C GLY B 106 -4.32 18.80 -18.78
N TYR B 107 -4.23 20.04 -18.28
CA TYR B 107 -3.14 20.48 -17.37
C TYR B 107 -3.71 21.12 -16.11
N PHE B 108 -2.85 21.20 -15.11
CA PHE B 108 -3.17 21.52 -13.69
C PHE B 108 -1.99 22.31 -13.11
N GLU B 109 -1.57 23.40 -13.77
CA GLU B 109 -0.32 24.10 -13.41
C GLU B 109 -0.60 25.30 -12.50
N GLU B 110 -1.86 25.71 -12.31
CA GLU B 110 -2.10 27.02 -11.63
C GLU B 110 -3.07 26.86 -10.44
N SER B 111 -4.37 26.88 -10.70
CA SER B 111 -5.46 26.87 -9.71
C SER B 111 -6.26 25.58 -9.89
N LEU B 112 -6.89 25.11 -8.82
CA LEU B 112 -7.62 23.82 -8.71
C LEU B 112 -8.88 24.10 -7.97
N ILE B 113 -9.97 23.43 -8.34
CA ILE B 113 -11.16 23.28 -7.44
C ILE B 113 -11.44 21.79 -7.27
N THR B 114 -11.80 21.40 -6.05
CA THR B 114 -12.30 20.06 -5.70
C THR B 114 -13.78 20.29 -5.48
N THR B 115 -14.60 19.76 -6.37
CA THR B 115 -15.99 20.22 -6.52
C THR B 115 -16.87 19.41 -5.60
N TYR B 116 -18.14 19.82 -5.52
CA TYR B 116 -19.21 18.91 -5.07
C TYR B 116 -19.10 17.61 -5.86
N THR B 117 -19.63 16.54 -5.27
CA THR B 117 -19.71 15.21 -5.86
C THR B 117 -21.17 14.82 -5.95
N GLY B 118 -21.49 13.79 -6.72
CA GLY B 118 -22.84 13.24 -6.86
C GLY B 118 -23.08 12.80 -8.29
N LYS B 119 -24.35 12.64 -8.67
CA LYS B 119 -24.72 12.19 -10.02
C LYS B 119 -24.60 13.38 -10.97
N LEU B 120 -23.73 13.26 -11.97
CA LEU B 120 -23.44 14.35 -12.92
C LEU B 120 -24.63 14.52 -13.88
N ALA B 121 -25.30 15.68 -13.82
CA ALA B 121 -26.56 15.97 -14.56
C ALA B 121 -26.31 16.99 -15.66
N GLY B 122 -25.28 17.82 -15.58
CA GLY B 122 -25.08 18.84 -16.62
C GLY B 122 -23.78 19.59 -16.45
N ILE B 123 -23.54 20.51 -17.35
CA ILE B 123 -22.41 21.47 -17.29
C ILE B 123 -22.89 22.86 -17.73
N LYS B 124 -22.26 23.90 -17.19
CA LYS B 124 -22.58 25.32 -17.49
C LYS B 124 -21.23 26.03 -17.65
N GLY B 125 -21.18 27.13 -18.38
CA GLY B 125 -19.94 27.93 -18.44
C GLY B 125 -19.94 28.83 -19.64
N GLY B 126 -18.77 29.06 -20.19
CA GLY B 126 -18.58 29.84 -21.41
C GLY B 126 -17.44 29.26 -22.20
N ALA B 127 -17.58 29.27 -23.53
CA ALA B 127 -16.55 28.79 -24.47
C ALA B 127 -16.61 29.61 -25.77
N GLY B 128 -15.44 29.78 -26.35
CA GLY B 128 -15.27 30.26 -27.72
C GLY B 128 -14.22 29.42 -28.39
N SER B 129 -12.97 29.94 -28.49
CA SER B 129 -11.84 29.14 -29.03
C SER B 129 -11.41 28.12 -27.96
N ASP B 130 -11.74 28.43 -26.69
CA ASP B 130 -11.26 27.71 -25.49
C ASP B 130 -12.49 27.46 -24.62
N ILE B 131 -12.34 26.62 -23.59
CA ILE B 131 -13.31 26.62 -22.47
C ILE B 131 -12.86 27.74 -21.51
N ARG B 133 -14.50 28.89 -19.04
CA ARG B 133 -15.22 28.76 -17.74
C ARG B 133 -16.08 27.49 -17.75
N LEU B 134 -16.08 26.72 -16.67
CA LEU B 134 -16.79 25.41 -16.55
C LEU B 134 -17.22 25.16 -15.10
N GLY B 135 -18.45 24.74 -14.97
CA GLY B 135 -19.02 24.32 -13.69
C GLY B 135 -19.83 23.09 -13.94
N LEU B 136 -19.71 22.14 -13.05
CA LEU B 136 -20.43 20.87 -13.11
C LEU B 136 -21.77 21.10 -12.40
N ILE B 137 -22.74 20.22 -12.64
CA ILE B 137 -24.11 20.34 -12.09
C ILE B 137 -24.53 18.95 -11.60
N PHE B 138 -24.98 18.84 -10.35
CA PHE B 138 -25.32 17.52 -9.78
C PHE B 138 -26.81 17.43 -9.42
N LEU B 139 -27.28 16.26 -8.98
CA LEU B 139 -28.69 15.95 -8.65
C LEU B 139 -29.02 16.24 -7.17
N LYS B 140 -29.41 15.18 -6.45
CA LYS B 140 -29.73 15.16 -4.99
C LYS B 140 -30.02 13.72 -4.58
N ASP C 1 7.47 -23.68 33.78
CA ASP C 1 6.21 -24.15 34.47
C ASP C 1 5.04 -23.35 33.85
N ASN C 2 4.99 -22.03 34.10
CA ASN C 2 3.98 -21.09 33.58
C ASN C 2 4.54 -20.39 32.33
N TYR C 3 5.74 -20.78 31.84
CA TYR C 3 6.67 -19.88 31.08
C TYR C 3 7.20 -20.55 29.81
N ILE C 4 7.44 -19.75 28.78
CA ILE C 4 8.05 -20.18 27.49
C ILE C 4 9.39 -19.48 27.39
N TYR C 5 10.48 -20.20 27.31
CA TYR C 5 11.86 -19.63 27.20
C TYR C 5 12.28 -19.58 25.74
N SER C 6 12.41 -18.38 25.14
CA SER C 6 13.00 -18.19 23.79
C SER C 6 14.47 -18.59 23.87
N THR C 7 15.06 -19.05 22.80
CA THR C 7 16.48 -19.43 22.71
C THR C 7 17.30 -18.22 23.11
N GLU C 8 18.24 -18.39 24.03
CA GLU C 8 19.26 -17.37 24.34
C GLU C 8 20.23 -17.35 23.19
N VAL C 9 20.51 -16.20 22.57
CA VAL C 9 21.40 -16.14 21.39
C VAL C 9 22.54 -15.22 21.75
N GLY C 10 23.67 -15.39 21.11
CA GLY C 10 24.93 -14.73 21.42
C GLY C 10 25.94 -15.72 21.95
N GLY C 11 26.95 -15.24 22.67
CA GLY C 11 28.10 -16.02 23.15
C GLY C 11 27.90 -16.53 24.56
N VAL C 12 28.94 -17.14 25.18
CA VAL C 12 28.81 -17.86 26.48
C VAL C 12 29.27 -16.93 27.61
N GLY C 13 29.91 -15.81 27.27
CA GLY C 13 30.58 -14.92 28.21
C GLY C 13 29.57 -14.06 28.96
N GLY C 14 30.11 -13.17 29.79
CA GLY C 14 29.36 -12.27 30.64
C GLY C 14 28.91 -12.88 31.96
N THR C 15 28.40 -12.03 32.83
CA THR C 15 27.85 -12.36 34.15
C THR C 15 26.39 -12.72 33.96
N PRO C 16 25.94 -13.88 34.45
CA PRO C 16 24.57 -14.34 34.18
C PRO C 16 23.50 -13.46 34.85
N PHE C 17 22.31 -13.39 34.25
CA PHE C 17 21.13 -12.67 34.82
C PHE C 17 19.87 -13.43 34.40
N THR C 18 18.90 -13.46 35.27
CA THR C 18 17.52 -13.99 35.07
C THR C 18 16.59 -13.06 35.87
N PHE C 19 15.82 -12.23 35.14
CA PHE C 19 14.89 -11.25 35.67
C PHE C 19 13.49 -11.68 35.27
N MET C 20 12.78 -12.24 36.25
CA MET C 20 11.39 -12.75 36.15
C MET C 20 10.67 -12.47 37.48
N GLN C 21 9.37 -12.17 37.45
CA GLN C 21 8.56 -12.01 38.71
C GLN C 21 7.32 -12.90 38.61
N GLU C 22 7.09 -13.76 39.60
CA GLU C 22 5.90 -14.63 39.72
C GLU C 22 4.66 -13.70 39.71
N SER C 23 3.63 -14.04 38.93
CA SER C 23 2.35 -13.26 38.88
C SER C 23 2.66 -11.82 38.45
N GLY C 24 3.67 -11.60 37.58
CA GLY C 24 4.04 -10.29 37.05
C GLY C 24 4.52 -10.43 35.63
N THR C 25 4.55 -9.30 34.95
CA THR C 25 4.97 -9.17 33.52
C THR C 25 5.76 -7.87 33.35
N ILE C 26 6.52 -7.80 32.25
CA ILE C 26 7.35 -6.60 31.99
C ILE C 26 6.44 -5.44 31.54
N THR C 27 6.64 -4.25 32.17
CA THR C 27 5.92 -2.99 31.92
C THR C 27 6.81 -2.01 31.18
N SER C 28 8.13 -2.17 31.28
CA SER C 28 9.06 -1.33 30.55
C SER C 28 10.39 -2.06 30.34
N ILE C 29 11.01 -1.84 29.18
CA ILE C 29 12.29 -2.47 28.82
C ILE C 29 13.10 -1.44 28.05
N LYS C 30 14.35 -1.32 28.45
CA LYS C 30 15.30 -0.36 27.84
C LYS C 30 16.48 -1.10 27.22
N PHE C 31 16.90 -0.71 26.02
CA PHE C 31 18.12 -1.22 25.39
C PHE C 31 19.07 -0.07 25.18
N ASN C 32 20.35 -0.29 25.54
CA ASN C 32 21.45 0.66 25.33
C ASN C 32 22.40 0.05 24.32
N TRP C 33 22.88 0.80 23.34
CA TRP C 33 23.76 0.29 22.29
C TRP C 33 24.70 1.40 21.79
N SER C 34 25.75 1.01 21.06
CA SER C 34 26.81 1.92 20.59
C SER C 34 26.89 1.78 19.08
N ASP C 35 27.12 2.92 18.44
CA ASP C 35 27.51 2.93 17.01
C ASP C 35 28.94 2.41 16.90
N GLN C 36 29.80 2.75 17.87
CA GLN C 36 31.23 2.35 17.86
C GLN C 36 31.38 0.82 17.67
N TYR C 37 30.73 0.01 18.51
CA TYR C 37 30.89 -1.46 18.56
C TYR C 37 29.75 -2.22 17.89
N LYS C 38 28.63 -1.54 17.59
CA LYS C 38 27.47 -2.13 16.90
C LYS C 38 27.01 -3.30 17.75
N LEU C 39 26.94 -3.08 19.05
CA LEU C 39 26.52 -4.11 20.04
C LEU C 39 25.45 -3.50 20.94
N LEU C 40 24.62 -4.35 21.52
CA LEU C 40 23.90 -4.00 22.77
C LEU C 40 24.87 -4.11 23.93
N HIS C 41 24.77 -3.21 24.90
CA HIS C 41 25.71 -3.05 26.05
C HIS C 41 24.97 -3.21 27.35
N HIS C 42 23.71 -2.80 27.41
CA HIS C 42 23.00 -2.68 28.70
C HIS C 42 21.49 -2.78 28.43
N ILE C 43 20.80 -3.44 29.34
CA ILE C 43 19.32 -3.63 29.33
C ILE C 43 18.79 -3.33 30.72
N GLU C 44 17.60 -2.76 30.82
CA GLU C 44 16.88 -2.59 32.09
C GLU C 44 15.43 -2.97 31.88
N VAL C 45 14.84 -3.46 32.94
CA VAL C 45 13.47 -3.99 32.91
C VAL C 45 12.78 -3.49 34.17
N LYS C 46 11.50 -3.13 34.06
CA LYS C 46 10.61 -2.95 35.24
C LYS C 46 9.41 -3.84 35.05
N PHE C 47 8.89 -4.35 36.13
CA PHE C 47 7.74 -5.23 36.20
C PHE C 47 6.57 -4.40 36.73
N ILE C 48 5.36 -4.89 36.43
CA ILE C 48 4.03 -4.47 36.96
C ILE C 48 4.06 -4.27 38.47
N ASN C 49 3.53 -3.13 38.94
CA ASN C 49 3.23 -2.81 40.37
C ASN C 49 4.51 -3.04 41.17
N ASN C 50 5.59 -2.32 40.79
CA ASN C 50 6.98 -2.48 41.33
C ASN C 50 7.89 -1.49 40.60
N ALA C 51 8.57 -0.63 41.34
CA ALA C 51 9.26 0.56 40.79
C ALA C 51 10.73 0.23 40.58
N ASN C 52 11.15 -0.98 41.01
CA ASN C 52 12.60 -1.33 40.93
C ASN C 52 13.00 -1.71 39.50
N ILE C 53 14.15 -1.20 39.14
CA ILE C 53 14.82 -1.37 37.86
C ILE C 53 15.86 -2.49 37.98
N TYR C 54 15.64 -3.58 37.23
CA TYR C 54 16.53 -4.73 37.11
C TYR C 54 17.45 -4.51 35.90
N ALA C 55 18.74 -4.23 36.15
CA ALA C 55 19.71 -3.83 35.10
C ALA C 55 20.78 -4.89 34.92
N THR C 56 21.43 -4.90 33.76
CA THR C 56 22.59 -5.76 33.46
C THR C 56 23.36 -5.08 32.34
N GLY C 57 24.66 -5.26 32.32
CA GLY C 57 25.53 -4.70 31.28
C GLY C 57 26.04 -3.34 31.67
N ASP C 58 26.97 -2.82 30.89
CA ASP C 58 27.64 -1.52 31.11
C ASP C 58 26.91 -0.50 30.22
N PRO C 59 26.27 0.53 30.80
CA PRO C 59 25.58 1.54 30.02
C PRO C 59 26.53 2.50 29.28
N LYS C 60 27.36 1.98 28.40
CA LYS C 60 28.43 2.75 27.70
C LYS C 60 28.02 3.10 26.28
N GLY C 61 26.85 2.65 25.82
CA GLY C 61 26.34 3.00 24.49
C GLY C 61 25.95 4.46 24.39
N ASN C 62 26.05 5.04 23.17
CA ASN C 62 25.61 6.44 22.86
C ASN C 62 24.12 6.52 22.50
N HIS C 63 23.32 5.43 22.61
CA HIS C 63 21.87 5.41 22.27
C HIS C 63 21.12 4.55 23.28
N GLU C 64 19.91 4.93 23.70
CA GLU C 64 19.00 3.99 24.38
C GLU C 64 17.58 4.15 23.79
N VAL C 65 16.75 3.08 23.89
CA VAL C 65 15.32 3.09 23.56
C VAL C 65 14.59 2.48 24.73
N ILE C 66 13.40 3.00 25.00
CA ILE C 66 12.48 2.38 26.00
C ILE C 66 11.19 2.03 25.28
N LEU C 67 10.68 0.83 25.52
CA LEU C 67 9.27 0.47 25.23
C LEU C 67 8.55 0.31 26.54
N GLU C 68 7.41 0.98 26.65
CA GLU C 68 6.44 0.78 27.75
C GLU C 68 5.28 -0.12 27.26
N ILE C 69 4.82 -1.06 28.06
CA ILE C 69 3.84 -2.12 27.66
C ILE C 69 2.62 -2.06 28.59
N ASP C 70 1.46 -1.76 28.02
CA ASP C 70 0.16 -1.69 28.76
C ASP C 70 -0.01 -3.10 29.34
N ASP C 71 -0.76 -3.28 30.41
CA ASP C 71 -0.92 -4.60 31.08
C ASP C 71 -1.58 -5.60 30.12
N ASP C 72 -2.47 -5.19 29.22
CA ASP C 72 -3.14 -6.13 28.29
C ASP C 72 -2.38 -6.28 26.95
N GLU C 73 -1.15 -5.79 26.83
CA GLU C 73 -0.40 -5.63 25.53
C GLU C 73 0.69 -6.72 25.40
N THR C 74 0.69 -7.44 24.29
CA THR C 74 1.55 -8.60 24.00
C THR C 74 2.59 -8.18 22.98
N ILE C 75 3.63 -9.00 22.84
CA ILE C 75 4.61 -8.88 21.72
C ILE C 75 4.09 -9.79 20.59
N ILE C 76 3.87 -9.26 19.39
CA ILE C 76 3.37 -10.07 18.23
C ILE C 76 4.50 -10.27 17.23
N GLY C 77 5.57 -9.52 17.35
CA GLY C 77 6.75 -9.63 16.46
C GLY C 77 8.00 -9.33 17.27
N SER C 78 9.05 -10.13 17.10
CA SER C 78 10.23 -9.99 17.95
C SER C 78 11.46 -10.59 17.28
N VAL C 79 12.51 -9.78 17.10
CA VAL C 79 13.74 -10.18 16.36
C VAL C 79 14.95 -9.72 17.14
N ILE C 80 15.90 -10.63 17.39
CA ILE C 80 17.20 -10.29 18.03
C ILE C 80 18.31 -10.58 17.01
N GLY C 81 19.03 -9.54 16.70
CA GLY C 81 20.27 -9.61 15.90
C GLY C 81 21.41 -9.94 16.84
N TYR C 82 22.34 -10.77 16.37
CA TYR C 82 23.47 -11.27 17.19
C TYR C 82 24.59 -11.79 16.30
N LYS C 83 25.76 -11.92 16.92
CA LYS C 83 26.96 -12.67 16.39
C LYS C 83 26.95 -14.04 17.02
N LYS C 84 26.97 -15.08 16.19
CA LYS C 84 26.86 -16.49 16.64
C LYS C 84 28.20 -16.96 17.20
N GLY C 85 28.13 -18.07 17.95
CA GLY C 85 29.30 -18.78 18.49
C GLY C 85 29.63 -18.45 19.93
N ASN C 86 30.70 -19.03 20.46
CA ASN C 86 31.10 -18.96 21.88
C ASN C 86 31.49 -17.53 22.23
N ASP C 87 32.25 -16.86 21.35
CA ASP C 87 32.65 -15.45 21.55
C ASP C 87 31.62 -14.49 20.91
N GLY C 88 30.36 -14.89 20.79
CA GLY C 88 29.28 -14.06 20.24
C GLY C 88 28.77 -12.97 21.19
N ARG C 89 27.86 -12.13 20.67
CA ARG C 89 27.28 -10.90 21.28
C ARG C 89 25.87 -10.65 20.72
N CYS C 90 24.99 -9.97 21.45
CA CYS C 90 23.72 -9.43 20.88
C CYS C 90 23.99 -8.06 20.31
N THR C 91 23.55 -7.84 19.09
CA THR C 91 23.84 -6.65 18.31
C THR C 91 22.60 -5.77 18.21
N GLY C 92 21.39 -6.33 18.27
CA GLY C 92 20.18 -5.55 17.95
C GLY C 92 18.90 -6.24 18.42
N VAL C 93 17.83 -5.47 18.56
CA VAL C 93 16.47 -5.95 18.93
C VAL C 93 15.41 -5.11 18.23
N LYS C 94 14.33 -5.76 17.81
CA LYS C 94 13.15 -5.12 17.18
C LYS C 94 11.97 -5.75 17.89
N LEU C 95 11.10 -4.95 18.53
CA LEU C 95 9.85 -5.46 19.14
C LEU C 95 8.65 -4.73 18.55
N THR C 96 7.56 -5.45 18.31
CA THR C 96 6.26 -4.91 17.84
C THR C 96 5.17 -5.53 18.70
N THR C 97 4.20 -4.71 19.10
CA THR C 97 3.17 -5.10 20.10
C THR C 97 1.78 -5.21 19.47
N SER C 98 0.85 -5.87 20.18
CA SER C 98 -0.57 -6.02 19.79
C SER C 98 -1.25 -4.64 19.66
N LYS C 99 -0.61 -3.54 20.03
CA LYS C 99 -1.20 -2.19 19.93
C LYS C 99 -0.46 -1.39 18.84
N GLY C 100 0.33 -2.02 17.99
CA GLY C 100 1.03 -1.34 16.88
C GLY C 100 2.18 -0.43 17.32
N LYS C 101 2.65 -0.58 18.57
CA LYS C 101 3.86 0.10 19.08
C LYS C 101 5.10 -0.73 18.60
N SER C 102 6.18 -0.07 18.22
CA SER C 102 7.44 -0.80 17.95
C SER C 102 8.65 0.02 18.37
N ILE C 103 9.74 -0.70 18.68
CA ILE C 103 11.09 -0.14 18.97
C ILE C 103 12.13 -0.90 18.17
N MET C 104 13.26 -0.26 17.96
CA MET C 104 14.37 -0.79 17.18
C MET C 104 15.62 -0.34 17.93
N ALA C 105 16.50 -1.25 18.34
CA ALA C 105 17.82 -0.92 18.94
C ALA C 105 18.94 -1.64 18.19
N GLY C 106 19.98 -0.90 17.85
CA GLY C 106 21.28 -1.47 17.47
C GLY C 106 21.31 -2.00 16.05
N TYR C 107 22.08 -3.07 15.80
CA TYR C 107 22.43 -3.51 14.43
C TYR C 107 22.09 -4.99 14.24
N PHE C 108 22.04 -5.38 12.98
CA PHE C 108 21.53 -6.71 12.52
C PHE C 108 22.42 -7.17 11.37
N GLU C 109 23.73 -7.25 11.59
CA GLU C 109 24.66 -7.47 10.44
C GLU C 109 25.00 -8.95 10.24
N GLU C 110 24.65 -9.82 11.17
CA GLU C 110 25.08 -11.24 11.06
C GLU C 110 23.93 -12.21 11.14
N SER C 111 23.50 -12.56 12.34
CA SER C 111 22.50 -13.63 12.64
C SER C 111 21.24 -13.00 13.25
N LEU C 112 20.11 -13.67 13.10
CA LEU C 112 18.76 -13.21 13.50
C LEU C 112 18.04 -14.36 14.14
N ILE C 113 17.24 -14.09 15.15
CA ILE C 113 16.18 -15.03 15.59
C ILE C 113 14.85 -14.24 15.61
N THR C 114 13.79 -14.90 15.13
CA THR C 114 12.41 -14.43 15.22
C THR C 114 11.79 -15.32 16.28
N THR C 115 11.47 -14.74 17.41
CA THR C 115 11.19 -15.50 18.64
C THR C 115 9.73 -15.89 18.67
N TYR C 116 9.45 -16.73 19.64
CA TYR C 116 8.07 -16.89 20.12
C TYR C 116 7.51 -15.47 20.42
N THR C 117 6.19 -15.41 20.38
CA THR C 117 5.38 -14.22 20.65
C THR C 117 4.53 -14.51 21.89
N GLY C 118 4.03 -13.46 22.49
CA GLY C 118 3.08 -13.56 23.61
C GLY C 118 3.37 -12.46 24.61
N LYS C 119 2.95 -12.70 25.85
CA LYS C 119 3.07 -11.69 26.89
C LYS C 119 4.49 -11.78 27.43
N LEU C 120 5.25 -10.67 27.36
CA LEU C 120 6.66 -10.64 27.81
C LEU C 120 6.69 -10.72 29.36
N ALA C 121 7.30 -11.76 29.92
CA ALA C 121 7.39 -12.01 31.40
C ALA C 121 8.82 -11.75 31.92
N GLY C 122 9.86 -11.88 31.10
CA GLY C 122 11.21 -11.78 31.66
C GLY C 122 12.27 -11.84 30.62
N ILE C 123 13.52 -11.75 31.06
CA ILE C 123 14.74 -11.91 30.21
C ILE C 123 15.79 -12.70 30.98
N LYS C 124 16.64 -13.41 30.25
CA LYS C 124 17.73 -14.26 30.83
C LYS C 124 18.92 -14.10 29.89
N GLY C 125 20.14 -14.27 30.36
CA GLY C 125 21.33 -14.19 29.48
C GLY C 125 22.59 -13.97 30.27
N GLY C 126 23.53 -13.29 29.64
CA GLY C 126 24.76 -12.87 30.31
C GLY C 126 25.20 -11.54 29.71
N ALA C 127 25.82 -10.72 30.54
CA ALA C 127 26.38 -9.41 30.18
C ALA C 127 27.56 -9.03 31.07
N GLY C 128 28.49 -8.32 30.46
CA GLY C 128 29.60 -7.63 31.12
C GLY C 128 29.64 -6.25 30.60
N SER C 129 30.60 -5.97 29.73
CA SER C 129 30.73 -4.70 28.98
C SER C 129 29.64 -4.65 27.90
N ASP C 130 29.17 -5.83 27.49
CA ASP C 130 28.25 -6.03 26.35
C ASP C 130 27.11 -6.92 26.83
N ILE C 131 26.04 -6.99 26.04
CA ILE C 131 25.09 -8.12 26.18
C ILE C 131 25.69 -9.29 25.38
N ASP C 132 26.30 -10.25 26.04
CA ASP C 132 26.92 -11.41 25.40
C ASP C 132 25.80 -12.24 24.80
N ARG C 133 24.65 -12.30 25.49
CA ARG C 133 23.64 -13.32 25.29
C ARG C 133 22.29 -12.85 25.85
N LEU C 134 21.18 -13.13 25.14
CA LEU C 134 19.82 -12.74 25.57
C LEU C 134 18.77 -13.76 25.10
N GLY C 135 17.85 -14.08 25.99
CA GLY C 135 16.65 -14.85 25.67
C GLY C 135 15.49 -14.23 26.36
N LEU C 136 14.40 -14.12 25.61
CA LEU C 136 13.15 -13.53 26.07
C LEU C 136 12.44 -14.67 26.76
N ILE C 137 11.50 -14.32 27.62
CA ILE C 137 10.66 -15.28 28.34
C ILE C 137 9.25 -14.73 28.24
N PHE C 138 8.29 -15.62 27.89
CA PHE C 138 6.86 -15.28 27.70
C PHE C 138 6.02 -16.08 28.66
N LEU C 139 4.74 -15.70 28.83
CA LEU C 139 3.72 -16.55 29.55
C LEU C 139 3.18 -17.65 28.61
N LYS C 140 2.76 -18.82 29.13
CA LYS C 140 1.97 -19.85 28.38
C LYS C 140 0.61 -19.36 27.79
N ASP D 1 0.12 -41.58 4.92
CA ASP D 1 0.33 -41.35 6.38
C ASP D 1 -0.71 -40.32 6.85
N ASN D 2 -0.54 -39.69 8.02
CA ASN D 2 -1.26 -38.46 8.43
C ASN D 2 -0.32 -37.25 8.20
N TYR D 3 0.59 -37.40 7.24
CA TYR D 3 1.69 -36.47 6.85
C TYR D 3 1.68 -36.16 5.34
N ILE D 4 2.08 -34.94 4.99
CA ILE D 4 2.21 -34.43 3.60
C ILE D 4 3.68 -34.17 3.34
N TYR D 5 4.26 -34.83 2.33
CA TYR D 5 5.71 -34.75 2.06
C TYR D 5 5.97 -33.77 0.92
N SER D 6 6.61 -32.62 1.18
CA SER D 6 7.05 -31.66 0.15
C SER D 6 8.17 -32.33 -0.62
N THR D 7 8.33 -31.99 -1.89
CA THR D 7 9.39 -32.55 -2.76
C THR D 7 10.72 -32.19 -2.13
N GLU D 8 11.60 -33.17 -1.99
CA GLU D 8 13.03 -32.95 -1.61
C GLU D 8 13.70 -32.36 -2.82
N VAL D 9 14.41 -31.25 -2.67
CA VAL D 9 15.04 -30.56 -3.84
C VAL D 9 16.50 -30.45 -3.52
N GLY D 10 17.34 -30.35 -4.54
CA GLY D 10 18.80 -30.31 -4.42
C GLY D 10 19.37 -31.59 -5.02
N GLY D 11 20.59 -31.97 -4.63
CA GLY D 11 21.34 -33.11 -5.18
C GLY D 11 21.09 -34.39 -4.43
N VAL D 12 21.70 -35.49 -4.84
CA VAL D 12 21.45 -36.80 -4.16
C VAL D 12 22.60 -37.12 -3.21
N GLY D 13 23.58 -36.21 -3.14
CA GLY D 13 24.78 -36.36 -2.29
C GLY D 13 24.53 -36.08 -0.81
N GLY D 14 25.55 -36.26 0.03
CA GLY D 14 25.39 -36.01 1.47
C GLY D 14 24.79 -37.16 2.27
N THR D 15 25.00 -37.12 3.56
CA THR D 15 24.47 -38.18 4.44
C THR D 15 22.97 -37.96 4.60
N PRO D 16 22.10 -38.99 4.45
CA PRO D 16 20.66 -38.82 4.61
C PRO D 16 20.23 -38.54 6.05
N PHE D 17 19.16 -37.78 6.26
CA PHE D 17 18.68 -37.45 7.63
C PHE D 17 17.17 -37.26 7.61
N THR D 18 16.47 -37.70 8.65
CA THR D 18 15.00 -37.50 8.86
C THR D 18 14.79 -37.04 10.30
N PHE D 19 14.35 -35.78 10.46
CA PHE D 19 14.04 -35.16 11.76
C PHE D 19 12.53 -34.99 11.84
N MET D 20 11.90 -35.92 12.56
CA MET D 20 10.49 -36.05 12.89
C MET D 20 10.42 -36.85 14.18
N GLN D 21 9.36 -36.67 14.97
CA GLN D 21 9.15 -37.24 16.33
C GLN D 21 7.65 -37.37 16.50
N GLU D 22 7.15 -38.47 17.08
CA GLU D 22 5.72 -38.57 17.48
C GLU D 22 5.50 -37.55 18.63
N SER D 23 6.54 -37.26 19.45
CA SER D 23 6.60 -36.21 20.53
C SER D 23 5.92 -34.92 20.04
N GLY D 24 6.11 -34.46 18.78
CA GLY D 24 5.21 -33.47 18.16
C GLY D 24 5.88 -32.71 17.06
N THR D 25 5.51 -31.45 16.87
CA THR D 25 5.81 -30.61 15.69
C THR D 25 7.08 -29.78 15.91
N ILE D 26 7.59 -29.16 14.86
CA ILE D 26 8.79 -28.29 15.00
C ILE D 26 8.44 -27.00 15.77
N THR D 27 9.26 -26.70 16.79
CA THR D 27 9.15 -25.53 17.70
C THR D 27 10.28 -24.55 17.39
N SER D 28 11.38 -25.03 16.83
CA SER D 28 12.44 -24.11 16.37
C SER D 28 13.25 -24.78 15.28
N ILE D 29 13.73 -23.96 14.34
CA ILE D 29 14.54 -24.41 13.20
C ILE D 29 15.54 -23.31 12.92
N LYS D 30 16.80 -23.72 12.67
CA LYS D 30 17.91 -22.82 12.40
C LYS D 30 18.50 -23.17 11.02
N PHE D 31 18.82 -22.17 10.21
CA PHE D 31 19.55 -22.32 8.95
C PHE D 31 20.85 -21.55 9.05
N ASN D 32 21.95 -22.21 8.68
CA ASN D 32 23.32 -21.65 8.62
C ASN D 32 23.72 -21.59 7.16
N TRP D 33 24.29 -20.50 6.71
CA TRP D 33 24.63 -20.33 5.27
C TRP D 33 25.83 -19.41 5.14
N SER D 34 26.45 -19.38 3.95
CA SER D 34 27.70 -18.62 3.70
C SER D 34 27.44 -17.69 2.54
N ASP D 35 27.99 -16.49 2.63
CA ASP D 35 28.14 -15.59 1.50
C ASP D 35 29.16 -16.18 0.50
N GLN D 36 30.24 -16.78 1.01
CA GLN D 36 31.35 -17.29 0.18
C GLN D 36 30.81 -18.28 -0.87
N TYR D 37 30.04 -19.29 -0.47
CA TYR D 37 29.57 -20.40 -1.35
C TYR D 37 28.10 -20.26 -1.78
N LYS D 38 27.34 -19.37 -1.12
CA LYS D 38 25.93 -19.06 -1.48
C LYS D 38 25.16 -20.35 -1.34
N LEU D 39 25.43 -21.07 -0.25
CA LEU D 39 24.76 -22.38 0.05
C LEU D 39 24.21 -22.35 1.48
N LEU D 40 23.20 -23.18 1.74
CA LEU D 40 22.94 -23.65 3.10
C LEU D 40 23.99 -24.74 3.45
N HIS D 41 24.47 -24.76 4.68
CA HIS D 41 25.57 -25.64 5.17
C HIS D 41 25.07 -26.46 6.33
N HIS D 42 24.19 -25.92 7.17
CA HIS D 42 23.86 -26.55 8.46
C HIS D 42 22.44 -26.16 8.87
N ILE D 43 21.71 -27.10 9.45
CA ILE D 43 20.33 -26.95 9.96
C ILE D 43 20.27 -27.54 11.36
N GLU D 44 19.46 -26.96 12.25
CA GLU D 44 19.13 -27.61 13.55
C GLU D 44 17.65 -27.48 13.77
N VAL D 45 17.09 -28.42 14.47
CA VAL D 45 15.64 -28.48 14.66
C VAL D 45 15.39 -28.92 16.07
N LYS D 46 14.34 -28.38 16.72
CA LYS D 46 13.84 -28.89 18.01
C LYS D 46 12.36 -29.11 17.86
N PHE D 47 11.87 -30.09 18.57
CA PHE D 47 10.45 -30.46 18.61
C PHE D 47 9.92 -30.06 19.96
N ILE D 48 8.60 -29.89 19.98
CA ILE D 48 7.71 -29.78 21.17
C ILE D 48 8.00 -30.95 22.10
N ASN D 49 8.11 -30.66 23.42
CA ASN D 49 8.22 -31.64 24.53
C ASN D 49 9.35 -32.63 24.19
N ASN D 50 10.57 -32.10 23.99
CA ASN D 50 11.78 -32.85 23.59
C ASN D 50 12.92 -31.83 23.51
N ALA D 51 13.96 -32.06 24.31
CA ALA D 51 14.97 -31.03 24.63
C ALA D 51 16.20 -31.29 23.76
N ASN D 52 16.14 -32.32 22.91
CA ASN D 52 17.24 -32.62 21.97
C ASN D 52 17.19 -31.64 20.80
N ILE D 53 18.38 -31.20 20.44
CA ILE D 53 18.66 -30.48 19.17
C ILE D 53 19.16 -31.51 18.14
N TYR D 54 18.41 -31.70 17.06
CA TYR D 54 18.79 -32.53 15.89
C TYR D 54 19.46 -31.65 14.85
N ALA D 55 20.74 -31.81 14.66
CA ALA D 55 21.63 -31.04 13.76
C ALA D 55 22.10 -31.93 12.59
N THR D 56 22.50 -31.30 11.48
CA THR D 56 23.07 -31.96 10.30
C THR D 56 23.80 -30.87 9.52
N GLY D 57 24.86 -31.25 8.83
CA GLY D 57 25.67 -30.35 8.01
C GLY D 57 26.76 -29.74 8.82
N ASP D 58 27.67 -29.04 8.16
CA ASP D 58 28.87 -28.42 8.75
C ASP D 58 28.54 -26.96 9.04
N PRO D 59 28.53 -26.49 10.32
CA PRO D 59 28.23 -25.12 10.65
C PRO D 59 29.30 -24.12 10.29
N LYS D 60 29.66 -24.05 9.01
CA LYS D 60 30.81 -23.26 8.50
C LYS D 60 30.32 -21.96 7.86
N GLY D 61 29.00 -21.75 7.77
CA GLY D 61 28.44 -20.48 7.26
C GLY D 61 28.73 -19.30 8.20
N ASN D 62 28.85 -18.09 7.65
CA ASN D 62 29.04 -16.83 8.41
C ASN D 62 27.69 -16.19 8.83
N HIS D 63 26.55 -16.83 8.62
CA HIS D 63 25.21 -16.31 8.96
C HIS D 63 24.35 -17.44 9.49
N GLU D 64 23.51 -17.20 10.49
CA GLU D 64 22.44 -18.15 10.84
C GLU D 64 21.16 -17.37 11.12
N VAL D 65 19.99 -18.02 10.98
CA VAL D 65 18.67 -17.49 11.38
C VAL D 65 18.01 -18.60 12.15
N ILE D 66 17.23 -18.23 13.13
CA ILE D 66 16.33 -19.15 13.87
C ILE D 66 14.92 -18.62 13.69
N LEU D 67 13.98 -19.53 13.39
CA LEU D 67 12.56 -19.26 13.54
C LEU D 67 12.07 -20.14 14.68
N GLU D 68 11.40 -19.53 15.64
CA GLU D 68 10.65 -20.21 16.70
C GLU D 68 9.16 -20.17 16.36
N ILE D 69 8.45 -21.26 16.62
CA ILE D 69 7.07 -21.47 16.13
C ILE D 69 6.18 -21.80 17.32
N ASP D 70 5.18 -20.93 17.60
CA ASP D 70 4.20 -21.13 18.72
C ASP D 70 3.56 -22.48 18.38
N ASP D 71 2.98 -23.16 19.35
CA ASP D 71 2.33 -24.49 19.17
C ASP D 71 1.21 -24.41 18.11
N ASP D 72 0.46 -23.30 18.07
CA ASP D 72 -0.74 -23.19 17.21
C ASP D 72 -0.37 -22.48 15.90
N GLU D 73 0.92 -22.29 15.57
CA GLU D 73 1.40 -21.45 14.45
C GLU D 73 1.81 -22.33 13.25
N THR D 74 1.25 -22.05 12.06
CA THR D 74 1.44 -22.83 10.82
C THR D 74 2.31 -22.05 9.86
N ILE D 75 2.84 -22.74 8.85
CA ILE D 75 3.58 -22.11 7.72
C ILE D 75 2.56 -21.83 6.62
N ILE D 76 2.41 -20.58 6.18
CA ILE D 76 1.42 -20.21 5.13
C ILE D 76 2.14 -19.88 3.82
N GLY D 77 3.47 -19.73 3.86
CA GLY D 77 4.33 -19.46 2.70
C GLY D 77 5.67 -20.11 2.93
N SER D 78 6.26 -20.66 1.89
CA SER D 78 7.48 -21.48 2.00
C SER D 78 8.13 -21.66 0.64
N VAL D 79 9.39 -21.22 0.52
CA VAL D 79 10.21 -21.27 -0.72
C VAL D 79 11.60 -21.81 -0.39
N ILE D 80 12.08 -22.77 -1.17
CA ILE D 80 13.47 -23.28 -1.07
C ILE D 80 14.13 -23.00 -2.40
N GLY D 81 15.19 -22.22 -2.32
CA GLY D 81 16.12 -22.00 -3.44
C GLY D 81 17.12 -23.14 -3.45
N TYR D 82 17.47 -23.59 -4.64
CA TYR D 82 18.38 -24.74 -4.80
C TYR D 82 18.98 -24.72 -6.21
N LYS D 83 20.07 -25.48 -6.35
CA LYS D 83 20.68 -25.91 -7.63
C LYS D 83 20.15 -27.31 -7.94
N LYS D 84 19.55 -27.49 -9.12
CA LYS D 84 18.96 -28.77 -9.58
C LYS D 84 20.10 -29.70 -9.99
N GLY D 85 19.74 -30.99 -10.08
CA GLY D 85 20.61 -32.04 -10.64
C GLY D 85 21.20 -32.93 -9.56
N ASN D 86 22.00 -33.90 -9.96
CA ASN D 86 22.59 -34.94 -9.06
C ASN D 86 23.56 -34.30 -8.08
N ASP D 87 24.39 -33.40 -8.60
CA ASP D 87 25.39 -32.60 -7.88
C ASP D 87 24.76 -31.27 -7.40
N GLY D 88 23.45 -31.23 -7.16
CA GLY D 88 22.77 -30.02 -6.64
C GLY D 88 22.96 -29.80 -5.13
N ARG D 89 22.45 -28.67 -4.65
CA ARG D 89 22.62 -28.09 -3.28
C ARG D 89 21.39 -27.22 -2.96
N CYS D 90 21.01 -27.08 -1.68
CA CYS D 90 20.05 -26.05 -1.23
C CYS D 90 20.81 -24.78 -0.95
N THR D 91 20.29 -23.69 -1.50
CA THR D 91 20.96 -22.38 -1.50
C THR D 91 20.22 -21.45 -0.56
N GLY D 92 18.93 -21.63 -0.33
CA GLY D 92 18.15 -20.61 0.40
C GLY D 92 16.81 -21.11 0.83
N VAL D 93 16.20 -20.43 1.79
CA VAL D 93 14.87 -20.77 2.38
C VAL D 93 14.20 -19.46 2.80
N LYS D 94 12.88 -19.42 2.64
CA LYS D 94 12.04 -18.29 3.05
C LYS D 94 10.86 -18.98 3.69
N LEU D 95 10.55 -18.67 4.96
CA LEU D 95 9.33 -19.18 5.60
C LEU D 95 8.51 -17.99 6.12
N THR D 96 7.19 -18.06 5.99
CA THR D 96 6.21 -17.09 6.54
C THR D 96 5.10 -17.87 7.27
N THR D 97 4.66 -17.38 8.43
CA THR D 97 3.77 -18.09 9.33
C THR D 97 2.39 -17.41 9.43
N SER D 98 1.42 -18.13 9.98
CA SER D 98 0.04 -17.65 10.27
C SER D 98 0.08 -16.48 11.27
N LYS D 99 1.23 -16.15 11.87
CA LYS D 99 1.31 -15.05 12.85
C LYS D 99 2.15 -13.90 12.25
N GLY D 100 2.41 -13.90 10.96
CA GLY D 100 3.15 -12.82 10.28
C GLY D 100 4.63 -12.82 10.63
N LYS D 101 5.18 -13.93 11.17
CA LYS D 101 6.66 -14.10 11.26
C LYS D 101 7.21 -14.56 9.93
N SER D 102 8.39 -14.07 9.57
CA SER D 102 9.12 -14.65 8.44
C SER D 102 10.63 -14.66 8.72
N ILE D 103 11.31 -15.59 8.05
CA ILE D 103 12.78 -15.68 7.95
C ILE D 103 13.16 -15.82 6.48
N MET D 104 14.37 -15.45 6.21
CA MET D 104 15.03 -15.48 4.91
C MET D 104 16.45 -15.98 5.25
N ALA D 105 16.88 -17.10 4.68
CA ALA D 105 18.28 -17.57 4.75
C ALA D 105 18.81 -17.81 3.34
N GLY D 106 20.00 -17.28 3.08
CA GLY D 106 20.82 -17.67 1.94
C GLY D 106 20.36 -17.08 0.61
N TYR D 107 20.51 -17.81 -0.49
CA TYR D 107 20.46 -17.27 -1.87
C TYR D 107 19.48 -18.07 -2.73
N PHE D 108 19.07 -17.43 -3.83
CA PHE D 108 17.92 -17.83 -4.68
C PHE D 108 18.28 -17.59 -6.15
N GLU D 109 19.43 -18.05 -6.62
CA GLU D 109 19.93 -17.65 -7.96
C GLU D 109 19.62 -18.70 -9.02
N GLU D 110 19.06 -19.87 -8.69
CA GLU D 110 18.85 -20.87 -9.77
C GLU D 110 17.40 -21.35 -9.87
N SER D 111 17.03 -22.33 -9.05
CA SER D 111 15.73 -23.01 -9.03
C SER D 111 15.02 -22.72 -7.70
N LEU D 112 13.70 -22.84 -7.68
CA LEU D 112 12.79 -22.49 -6.56
C LEU D 112 11.76 -23.57 -6.49
N ILE D 113 11.34 -23.93 -5.30
CA ILE D 113 10.05 -24.62 -5.07
C ILE D 113 9.25 -23.79 -4.05
N THR D 114 7.97 -23.67 -4.31
CA THR D 114 6.98 -23.10 -3.43
C THR D 114 6.19 -24.30 -2.97
N THR D 115 6.31 -24.62 -1.70
CA THR D 115 5.95 -25.94 -1.18
C THR D 115 4.50 -25.94 -0.78
N TYR D 116 4.04 -27.13 -0.43
CA TYR D 116 2.78 -27.23 0.36
C TYR D 116 2.98 -26.39 1.63
N THR D 117 1.87 -26.03 2.24
CA THR D 117 1.80 -25.24 3.49
C THR D 117 1.12 -26.07 4.56
N GLY D 118 1.23 -25.65 5.81
CA GLY D 118 0.49 -26.23 6.95
C GLY D 118 1.38 -26.28 8.18
N LYS D 119 1.07 -27.18 9.10
CA LYS D 119 1.80 -27.26 10.37
C LYS D 119 3.09 -28.03 10.14
N LEU D 120 4.24 -27.39 10.37
CA LEU D 120 5.57 -27.99 10.02
C LEU D 120 5.90 -29.06 11.06
N ALA D 121 5.99 -30.34 10.63
CA ALA D 121 6.18 -31.51 11.54
C ALA D 121 7.59 -32.07 11.40
N GLY D 122 8.29 -31.84 10.28
CA GLY D 122 9.73 -32.08 10.29
C GLY D 122 10.31 -31.92 8.92
N ILE D 123 11.58 -32.32 8.78
CA ILE D 123 12.37 -32.17 7.55
C ILE D 123 13.14 -33.47 7.25
N LYS D 124 13.45 -33.70 5.99
CA LYS D 124 14.34 -34.80 5.59
C LYS D 124 15.22 -34.32 4.47
N GLY D 125 16.31 -35.04 4.21
CA GLY D 125 17.21 -34.66 3.10
C GLY D 125 18.55 -35.30 3.24
N GLY D 126 19.57 -34.61 2.80
CA GLY D 126 20.96 -35.05 2.87
C GLY D 126 21.84 -33.86 3.10
N ALA D 127 22.90 -34.03 3.90
CA ALA D 127 23.93 -33.01 4.16
C ALA D 127 25.28 -33.67 4.44
N GLY D 128 26.34 -32.97 4.07
CA GLY D 128 27.70 -33.19 4.54
C GLY D 128 28.33 -31.89 4.90
N SER D 129 29.16 -31.35 4.02
CA SER D 129 29.74 -29.97 4.17
C SER D 129 28.63 -28.92 3.93
N ASP D 130 27.60 -29.34 3.19
CA ASP D 130 26.53 -28.49 2.63
C ASP D 130 25.20 -29.19 2.95
N ILE D 131 24.10 -28.49 2.84
CA ILE D 131 22.77 -29.12 2.72
C ILE D 131 22.61 -29.48 1.22
N ASP D 132 22.78 -30.73 0.85
CA ASP D 132 22.66 -31.08 -0.59
C ASP D 132 21.19 -31.12 -0.98
N ARG D 133 20.32 -31.36 -0.02
CA ARG D 133 18.94 -31.74 -0.34
C ARG D 133 18.05 -31.48 0.88
N LEU D 134 16.81 -30.98 0.66
CA LEU D 134 15.82 -30.72 1.74
C LEU D 134 14.39 -30.89 1.25
N GLY D 135 13.57 -31.50 2.09
CA GLY D 135 12.13 -31.61 1.87
C GLY D 135 11.43 -31.43 3.19
N LEU D 136 10.36 -30.67 3.18
CA LEU D 136 9.61 -30.30 4.39
C LEU D 136 8.56 -31.38 4.54
N ILE D 137 7.94 -31.47 5.72
CA ILE D 137 6.89 -32.45 6.05
C ILE D 137 5.87 -31.73 6.91
N PHE D 138 4.58 -31.85 6.55
CA PHE D 138 3.45 -31.15 7.23
C PHE D 138 2.43 -32.13 7.75
N LEU D 139 1.54 -31.68 8.64
CA LEU D 139 0.38 -32.49 9.13
C LEU D 139 -0.82 -32.35 8.18
N LYS D 140 -2.00 -32.86 8.58
CA LYS D 140 -3.34 -32.62 7.95
C LYS D 140 -4.38 -32.14 8.98
N ASP E 1 -17.47 -32.81 -21.06
CA ASP E 1 -16.61 -33.23 -19.94
C ASP E 1 -17.04 -32.44 -18.71
N ASN E 2 -16.39 -32.67 -17.57
CA ASN E 2 -16.55 -31.88 -16.31
C ASN E 2 -15.40 -30.87 -16.23
N TYR E 3 -14.80 -30.53 -17.37
CA TYR E 3 -13.50 -29.82 -17.54
C TYR E 3 -13.62 -28.58 -18.46
N ILE E 4 -12.80 -27.57 -18.18
CA ILE E 4 -12.61 -26.33 -19.00
C ILE E 4 -11.20 -26.38 -19.59
N TYR E 5 -11.08 -26.33 -20.90
CA TYR E 5 -9.77 -26.39 -21.61
C TYR E 5 -9.34 -24.96 -21.98
N SER E 6 -8.30 -24.40 -21.37
CA SER E 6 -7.67 -23.09 -21.69
C SER E 6 -7.07 -23.23 -23.09
N THR E 7 -6.98 -22.13 -23.81
CA THR E 7 -6.39 -22.07 -25.16
C THR E 7 -4.95 -22.56 -25.05
N GLU E 8 -4.61 -23.53 -25.90
CA GLU E 8 -3.21 -23.97 -26.10
C GLU E 8 -2.52 -22.88 -26.89
N VAL E 9 -1.41 -22.35 -26.42
CA VAL E 9 -0.74 -21.23 -27.10
C VAL E 9 0.66 -21.69 -27.45
N GLY E 10 1.25 -21.11 -28.48
CA GLY E 10 2.50 -21.56 -29.07
C GLY E 10 2.31 -22.07 -30.47
N GLY E 11 3.28 -22.84 -30.97
CA GLY E 11 3.35 -23.33 -32.37
C GLY E 11 2.65 -24.67 -32.53
N VAL E 12 2.74 -25.25 -33.74
CA VAL E 12 2.05 -26.54 -34.08
C VAL E 12 3.01 -27.71 -33.87
N GLY E 13 4.30 -27.42 -33.66
CA GLY E 13 5.40 -28.39 -33.63
C GLY E 13 5.35 -29.26 -32.40
N GLY E 14 6.33 -30.18 -32.32
CA GLY E 14 6.53 -31.08 -31.18
C GLY E 14 5.59 -32.28 -31.15
N THR E 15 5.84 -33.18 -30.23
CA THR E 15 5.07 -34.40 -30.02
C THR E 15 3.92 -34.10 -29.08
N PRO E 16 2.66 -34.41 -29.43
CA PRO E 16 1.50 -34.12 -28.57
C PRO E 16 1.52 -34.84 -27.21
N PHE E 17 0.95 -34.22 -26.17
CA PHE E 17 0.85 -34.78 -24.81
C PHE E 17 -0.46 -34.30 -24.20
N THR E 18 -1.10 -35.17 -23.40
CA THR E 18 -2.27 -34.86 -22.53
C THR E 18 -2.04 -35.57 -21.19
N PHE E 19 -1.88 -34.78 -20.12
CA PHE E 19 -1.74 -35.24 -18.72
C PHE E 19 -3.00 -34.85 -17.99
N MET E 20 -3.81 -35.88 -17.73
CA MET E 20 -5.08 -35.90 -16.98
C MET E 20 -5.21 -37.27 -16.30
N GLN E 21 -5.97 -37.32 -15.20
CA GLN E 21 -6.35 -38.54 -14.42
C GLN E 21 -7.79 -38.35 -13.94
N GLU E 22 -8.63 -39.37 -14.14
CA GLU E 22 -10.08 -39.31 -13.84
C GLU E 22 -10.23 -39.01 -12.33
N SER E 23 -11.12 -38.06 -12.00
CA SER E 23 -11.34 -37.35 -10.70
C SER E 23 -10.06 -37.31 -9.84
N GLY E 24 -8.96 -36.80 -10.38
CA GLY E 24 -7.72 -36.48 -9.60
C GLY E 24 -6.94 -35.30 -10.14
N THR E 25 -6.70 -34.25 -9.34
CA THR E 25 -6.24 -32.92 -9.81
C THR E 25 -4.72 -32.79 -9.68
N ILE E 26 -4.11 -31.74 -10.23
CA ILE E 26 -2.64 -31.56 -10.13
C ILE E 26 -2.27 -31.14 -8.68
N THR E 27 -1.27 -31.83 -8.10
CA THR E 27 -0.71 -31.39 -6.80
C THR E 27 0.70 -30.90 -6.94
N SER E 28 1.36 -31.11 -8.07
CA SER E 28 2.69 -30.52 -8.26
C SER E 28 2.97 -30.35 -9.76
N ILE E 29 3.74 -29.30 -10.11
CA ILE E 29 4.02 -28.97 -11.52
C ILE E 29 5.36 -28.27 -11.54
N LYS E 30 6.21 -28.66 -12.50
CA LYS E 30 7.58 -28.17 -12.63
C LYS E 30 7.75 -27.59 -14.02
N PHE E 31 8.41 -26.45 -14.13
CA PHE E 31 8.76 -25.82 -15.42
C PHE E 31 10.26 -25.69 -15.46
N ASN E 32 10.86 -26.11 -16.59
CA ASN E 32 12.32 -26.04 -16.84
C ASN E 32 12.51 -25.07 -17.99
N TRP E 33 13.45 -24.17 -17.93
CA TRP E 33 13.63 -23.14 -18.98
C TRP E 33 15.09 -22.72 -19.05
N SER E 34 15.47 -22.00 -20.11
CA SER E 34 16.87 -21.61 -20.39
C SER E 34 16.93 -20.12 -20.54
N ASP E 35 18.04 -19.55 -20.08
CA ASP E 35 18.38 -18.16 -20.41
C ASP E 35 18.83 -18.12 -21.88
N GLN E 36 19.54 -19.15 -22.35
CA GLN E 36 20.13 -19.13 -23.73
C GLN E 36 19.01 -18.92 -24.77
N TYR E 37 17.93 -19.70 -24.72
CA TYR E 37 16.84 -19.68 -25.73
C TYR E 37 15.58 -18.91 -25.28
N LYS E 38 15.48 -18.59 -23.98
CA LYS E 38 14.34 -17.80 -23.42
C LYS E 38 13.07 -18.57 -23.73
N LEU E 39 13.11 -19.88 -23.53
CA LEU E 39 12.00 -20.80 -23.83
C LEU E 39 11.76 -21.69 -22.62
N LEU E 40 10.54 -22.21 -22.49
CA LEU E 40 10.28 -23.43 -21.70
C LEU E 40 10.73 -24.63 -22.54
N HIS E 41 11.33 -25.62 -21.88
CA HIS E 41 11.94 -26.81 -22.54
C HIS E 41 11.26 -28.06 -22.01
N HIS E 42 10.82 -28.07 -20.78
CA HIS E 42 10.43 -29.31 -20.10
C HIS E 42 9.46 -28.97 -18.97
N ILE E 43 8.46 -29.80 -18.81
CA ILE E 43 7.40 -29.73 -17.78
C ILE E 43 7.22 -31.12 -17.17
N GLU E 44 6.92 -31.17 -15.87
CA GLU E 44 6.52 -32.42 -15.19
C GLU E 44 5.30 -32.11 -14.33
N VAL E 45 4.49 -33.11 -14.13
CA VAL E 45 3.26 -32.97 -13.35
C VAL E 45 3.12 -34.21 -12.48
N LYS E 46 2.54 -34.05 -11.29
CA LYS E 46 2.06 -35.14 -10.44
C LYS E 46 0.62 -34.86 -10.09
N PHE E 47 -0.16 -35.91 -9.97
CA PHE E 47 -1.57 -35.82 -9.57
C PHE E 47 -1.66 -36.34 -8.14
N ILE E 48 -2.75 -35.94 -7.49
CA ILE E 48 -3.32 -36.48 -6.24
C ILE E 48 -3.40 -38.00 -6.31
N ASN E 49 -2.96 -38.65 -5.21
CA ASN E 49 -3.09 -40.11 -4.92
C ASN E 49 -2.54 -40.86 -6.13
N ASN E 50 -1.26 -40.60 -6.50
CA ASN E 50 -0.57 -41.17 -7.67
C ASN E 50 0.86 -40.63 -7.68
N ALA E 51 1.84 -41.51 -7.66
CA ALA E 51 3.25 -41.16 -7.41
C ALA E 51 3.99 -41.14 -8.75
N ASN E 52 3.27 -41.28 -9.85
CA ASN E 52 3.86 -41.18 -11.21
C ASN E 52 4.12 -39.71 -11.54
N ILE E 53 5.32 -39.49 -12.11
CA ILE E 53 5.75 -38.20 -12.67
C ILE E 53 5.53 -38.27 -14.19
N TYR E 54 4.62 -37.46 -14.72
CA TYR E 54 4.35 -37.32 -16.17
C TYR E 54 5.15 -36.14 -16.71
N ALA E 55 6.17 -36.41 -17.52
CA ALA E 55 7.14 -35.45 -18.08
C ALA E 55 6.96 -35.34 -19.60
N THR E 56 7.42 -34.24 -20.18
CA THR E 56 7.44 -33.99 -21.63
C THR E 56 8.48 -32.92 -21.89
N GLY E 57 9.12 -32.96 -23.03
CA GLY E 57 10.17 -31.98 -23.41
C GLY E 57 11.54 -32.39 -22.91
N ASP E 58 12.56 -31.69 -23.33
CA ASP E 58 13.99 -32.00 -23.07
C ASP E 58 14.42 -31.14 -21.88
N PRO E 59 14.80 -31.74 -20.73
CA PRO E 59 15.22 -30.98 -19.55
C PRO E 59 16.59 -30.34 -19.68
N LYS E 60 16.79 -29.48 -20.67
CA LYS E 60 18.10 -28.89 -21.02
C LYS E 60 18.24 -27.46 -20.45
N GLY E 61 17.18 -26.91 -19.86
CA GLY E 61 17.21 -25.55 -19.30
C GLY E 61 18.10 -25.47 -18.05
N ASN E 62 18.70 -24.29 -17.79
CA ASN E 62 19.56 -24.01 -16.60
C ASN E 62 18.71 -23.55 -15.37
N HIS E 63 17.37 -23.58 -15.42
CA HIS E 63 16.47 -23.12 -14.32
C HIS E 63 15.28 -24.05 -14.22
N GLU E 64 14.79 -24.36 -13.03
CA GLU E 64 13.46 -25.01 -12.88
C GLU E 64 12.72 -24.35 -11.69
N VAL E 65 11.39 -24.43 -11.68
CA VAL E 65 10.53 -24.04 -10.54
C VAL E 65 9.52 -25.12 -10.37
N ILE E 66 9.12 -25.34 -9.13
CA ILE E 66 8.06 -26.29 -8.77
C ILE E 66 7.02 -25.50 -7.99
N LEU E 67 5.75 -25.74 -8.31
CA LEU E 67 4.64 -25.32 -7.47
C LEU E 67 3.98 -26.57 -6.95
N GLU E 68 3.74 -26.61 -5.64
CA GLU E 68 2.92 -27.62 -4.97
C GLU E 68 1.57 -27.00 -4.62
N ILE E 69 0.49 -27.75 -4.79
CA ILE E 69 -0.89 -27.25 -4.63
C ILE E 69 -1.61 -28.11 -3.58
N ASP E 70 -2.02 -27.47 -2.47
CA ASP E 70 -2.79 -28.13 -1.38
C ASP E 70 -4.04 -28.63 -2.08
N ASP E 71 -4.72 -29.64 -1.55
CA ASP E 71 -5.92 -30.26 -2.18
C ASP E 71 -7.04 -29.20 -2.31
N ASP E 72 -7.19 -28.25 -1.38
CA ASP E 72 -8.28 -27.26 -1.42
C ASP E 72 -7.83 -25.95 -2.12
N GLU E 73 -6.70 -25.93 -2.82
CA GLU E 73 -6.04 -24.71 -3.35
C GLU E 73 -6.31 -24.61 -4.88
N THR E 74 -6.82 -23.44 -5.30
CA THR E 74 -7.18 -23.14 -6.71
C THR E 74 -6.15 -22.18 -7.31
N ILE E 75 -6.16 -22.05 -8.62
CA ILE E 75 -5.44 -20.98 -9.35
C ILE E 75 -6.39 -19.78 -9.45
N ILE E 76 -5.98 -18.60 -8.96
CA ILE E 76 -6.81 -17.35 -9.09
C ILE E 76 -6.23 -16.43 -10.14
N GLY E 77 -4.99 -16.66 -10.58
CA GLY E 77 -4.28 -15.83 -11.57
C GLY E 77 -3.38 -16.69 -12.41
N SER E 78 -3.29 -16.44 -13.71
CA SER E 78 -2.57 -17.37 -14.61
C SER E 78 -2.22 -16.73 -15.94
N VAL E 79 -0.93 -16.69 -16.29
CA VAL E 79 -0.39 -16.07 -17.52
C VAL E 79 0.61 -17.00 -18.18
N ILE E 80 0.48 -17.23 -19.49
CA ILE E 80 1.49 -17.99 -20.29
C ILE E 80 2.06 -17.05 -21.32
N GLY E 81 3.36 -16.83 -21.23
CA GLY E 81 4.12 -16.10 -22.24
C GLY E 81 4.48 -17.06 -23.36
N TYR E 82 4.41 -16.59 -24.60
CA TYR E 82 4.65 -17.43 -25.79
C TYR E 82 5.05 -16.58 -26.98
N LYS E 83 5.62 -17.26 -27.99
CA LYS E 83 5.83 -16.76 -29.40
C LYS E 83 4.67 -17.30 -30.23
N LYS E 84 3.97 -16.40 -30.92
CA LYS E 84 2.79 -16.75 -31.75
C LYS E 84 3.31 -17.33 -33.08
N GLY E 85 2.40 -17.99 -33.79
CA GLY E 85 2.60 -18.52 -35.15
C GLY E 85 2.75 -20.03 -35.14
N ASN E 86 2.83 -20.63 -36.33
CA ASN E 86 3.04 -22.08 -36.55
C ASN E 86 4.40 -22.50 -35.95
N ASP E 87 5.42 -21.63 -36.12
CA ASP E 87 6.80 -21.74 -35.61
C ASP E 87 6.91 -21.22 -34.16
N GLY E 88 5.81 -21.14 -33.41
CA GLY E 88 5.80 -20.60 -32.04
C GLY E 88 6.28 -21.59 -30.98
N ARG E 89 6.40 -21.08 -29.73
CA ARG E 89 6.96 -21.72 -28.51
C ARG E 89 6.27 -21.14 -27.26
N CYS E 90 6.21 -21.87 -26.14
CA CYS E 90 5.96 -21.27 -24.80
C CYS E 90 7.26 -20.78 -24.22
N THR E 91 7.24 -19.54 -23.73
CA THR E 91 8.44 -18.85 -23.24
C THR E 91 8.38 -18.76 -21.73
N GLY E 92 7.20 -18.78 -21.12
CA GLY E 92 7.07 -18.44 -19.70
C GLY E 92 5.72 -18.81 -19.14
N VAL E 93 5.64 -18.96 -17.81
CA VAL E 93 4.37 -19.21 -17.07
C VAL E 93 4.43 -18.52 -15.71
N LYS E 94 3.30 -17.96 -15.27
CA LYS E 94 3.15 -17.24 -14.00
C LYS E 94 1.85 -17.79 -13.43
N LEU E 95 1.86 -18.29 -12.21
CA LEU E 95 0.65 -18.81 -11.54
C LEU E 95 0.57 -18.17 -10.15
N THR E 96 -0.67 -17.91 -9.71
CA THR E 96 -1.00 -17.39 -8.38
C THR E 96 -2.18 -18.18 -7.87
N THR E 97 -2.15 -18.57 -6.59
CA THR E 97 -3.13 -19.50 -6.00
C THR E 97 -4.00 -18.79 -4.97
N SER E 98 -5.11 -19.42 -4.58
CA SER E 98 -6.07 -18.95 -3.54
C SER E 98 -5.38 -18.83 -2.18
N LYS E 99 -4.13 -19.31 -2.04
CA LYS E 99 -3.41 -19.28 -0.75
C LYS E 99 -2.24 -18.30 -0.87
N GLY E 100 -2.19 -17.46 -1.90
CA GLY E 100 -1.17 -16.41 -2.03
C GLY E 100 0.20 -16.96 -2.39
N LYS E 101 0.27 -18.21 -2.89
CA LYS E 101 1.51 -18.77 -3.49
C LYS E 101 1.60 -18.26 -4.94
N SER E 102 2.81 -17.90 -5.41
CA SER E 102 3.03 -17.65 -6.84
C SER E 102 4.36 -18.22 -7.30
N ILE E 103 4.43 -18.52 -8.59
CA ILE E 103 5.65 -18.94 -9.35
C ILE E 103 5.70 -18.16 -10.67
N MET E 104 6.88 -18.01 -11.17
CA MET E 104 7.29 -17.24 -12.35
C MET E 104 8.36 -18.15 -12.97
N ALA E 105 8.14 -18.66 -14.17
CA ALA E 105 9.17 -19.41 -14.96
C ALA E 105 9.35 -18.77 -16.34
N GLY E 106 10.57 -18.53 -16.73
CA GLY E 106 10.93 -18.20 -18.11
C GLY E 106 10.70 -16.74 -18.44
N TYR E 107 10.32 -16.48 -19.70
CA TYR E 107 10.32 -15.11 -20.26
C TYR E 107 8.95 -14.80 -20.85
N PHE E 108 8.74 -13.49 -21.01
CA PHE E 108 7.41 -12.91 -21.40
C PHE E 108 7.68 -11.75 -22.36
N GLU E 109 8.46 -11.97 -23.42
CA GLU E 109 8.89 -10.86 -24.30
C GLU E 109 8.01 -10.71 -25.53
N GLU E 110 7.07 -11.61 -25.79
CA GLU E 110 6.28 -11.49 -27.05
C GLU E 110 4.76 -11.37 -26.82
N SER E 111 4.10 -12.50 -26.65
CA SER E 111 2.62 -12.67 -26.57
C SER E 111 2.30 -13.25 -25.20
N LEU E 112 1.07 -13.03 -24.72
CA LEU E 112 0.60 -13.41 -23.35
C LEU E 112 -0.80 -13.93 -23.50
N ILE E 113 -1.16 -14.94 -22.71
CA ILE E 113 -2.59 -15.23 -22.43
C ILE E 113 -2.81 -15.16 -20.93
N THR E 114 -3.92 -14.56 -20.52
CA THR E 114 -4.46 -14.57 -19.16
C THR E 114 -5.62 -15.53 -19.21
N THR E 115 -5.46 -16.68 -18.58
CA THR E 115 -6.32 -17.84 -18.80
C THR E 115 -7.52 -17.78 -17.88
N TYR E 116 -8.45 -18.69 -18.14
CA TYR E 116 -9.43 -19.18 -17.15
C TYR E 116 -8.66 -19.51 -15.86
N THR E 117 -9.39 -19.46 -14.77
CA THR E 117 -8.95 -19.76 -13.38
C THR E 117 -9.78 -20.89 -12.84
N GLY E 118 -9.35 -21.50 -11.76
CA GLY E 118 -10.09 -22.58 -11.06
C GLY E 118 -9.16 -23.63 -10.54
N LYS E 119 -9.67 -24.84 -10.27
CA LYS E 119 -8.82 -25.94 -9.78
C LYS E 119 -8.11 -26.56 -10.98
N LEU E 120 -6.78 -26.54 -10.98
CA LEU E 120 -5.93 -27.07 -12.08
C LEU E 120 -6.02 -28.60 -12.10
N ALA E 121 -6.55 -29.19 -13.18
CA ALA E 121 -6.77 -30.65 -13.34
C ALA E 121 -5.79 -31.28 -14.31
N GLY E 122 -5.23 -30.54 -15.26
CA GLY E 122 -4.33 -31.18 -16.24
C GLY E 122 -3.67 -30.17 -17.15
N ILE E 123 -2.81 -30.64 -18.05
CA ILE E 123 -2.18 -29.80 -19.10
C ILE E 123 -2.12 -30.59 -20.44
N LYS E 124 -2.10 -29.88 -21.57
CA LYS E 124 -2.13 -30.49 -22.91
C LYS E 124 -1.21 -29.65 -23.79
N GLY E 125 -0.65 -30.19 -24.86
CA GLY E 125 0.16 -29.39 -25.79
C GLY E 125 1.04 -30.24 -26.65
N GLY E 126 2.19 -29.72 -26.99
CA GLY E 126 3.23 -30.44 -27.72
C GLY E 126 4.58 -29.97 -27.29
N ALA E 127 5.56 -30.88 -27.33
CA ALA E 127 6.96 -30.59 -26.97
C ALA E 127 7.90 -31.55 -27.71
N GLY E 128 9.10 -31.04 -28.01
CA GLY E 128 10.26 -31.86 -28.35
C GLY E 128 11.47 -31.40 -27.60
N SER E 129 12.32 -30.61 -28.22
CA SER E 129 13.48 -29.92 -27.59
C SER E 129 12.96 -28.80 -26.67
N ASP E 130 11.76 -28.30 -27.00
CA ASP E 130 11.13 -27.10 -26.39
C ASP E 130 9.68 -27.48 -26.06
N ILE E 131 9.01 -26.67 -25.23
CA ILE E 131 7.53 -26.71 -25.14
C ILE E 131 7.00 -25.86 -26.31
N ASP E 132 6.53 -26.50 -27.37
CA ASP E 132 6.05 -25.81 -28.59
C ASP E 132 4.76 -25.09 -28.19
N ARG E 133 3.97 -25.70 -27.31
CA ARG E 133 2.54 -25.39 -27.16
C ARG E 133 2.05 -25.93 -25.80
N LEU E 134 1.21 -25.14 -25.12
CA LEU E 134 0.70 -25.46 -23.75
C LEU E 134 -0.69 -24.87 -23.51
N GLY E 135 -1.57 -25.68 -22.95
CA GLY E 135 -2.86 -25.25 -22.48
C GLY E 135 -3.16 -25.92 -21.18
N LEU E 136 -3.78 -25.17 -20.29
CA LEU E 136 -4.11 -25.62 -18.93
C LEU E 136 -5.50 -26.21 -19.06
N ILE E 137 -5.92 -26.99 -18.06
CA ILE E 137 -7.25 -27.64 -17.99
C ILE E 137 -7.73 -27.53 -16.55
N PHE E 138 -8.95 -27.10 -16.32
CA PHE E 138 -9.54 -26.82 -14.98
C PHE E 138 -10.82 -27.63 -14.78
N LEU E 139 -11.36 -27.70 -13.55
CA LEU E 139 -12.67 -28.29 -13.19
C LEU E 139 -13.78 -27.25 -13.34
N LYS E 140 -15.00 -27.52 -12.79
CA LYS E 140 -16.04 -26.47 -12.45
C LYS E 140 -16.39 -26.46 -10.94
N ASP F 1 -3.86 5.86 41.95
CA ASP F 1 -4.30 6.99 41.11
C ASP F 1 -5.29 6.43 40.06
N ASN F 2 -5.98 7.34 39.38
CA ASN F 2 -6.86 7.07 38.20
C ASN F 2 -6.05 7.32 36.90
N TYR F 3 -4.73 7.42 37.04
CA TYR F 3 -3.72 7.98 36.11
C TYR F 3 -2.55 6.98 35.94
N ILE F 4 -2.02 6.95 34.71
CA ILE F 4 -0.84 6.15 34.27
C ILE F 4 0.25 7.15 33.93
N TYR F 5 1.39 7.09 34.62
CA TYR F 5 2.52 8.02 34.45
C TYR F 5 3.55 7.37 33.52
N SER F 6 3.77 7.92 32.31
CA SER F 6 4.87 7.54 31.38
C SER F 6 6.17 7.93 32.05
N THR F 7 7.24 7.20 31.73
CA THR F 7 8.60 7.50 32.21
C THR F 7 8.95 8.90 31.75
N GLU F 8 9.43 9.73 32.67
CA GLU F 8 10.03 11.05 32.37
C GLU F 8 11.39 10.79 31.77
N VAL F 9 11.70 11.32 30.59
CA VAL F 9 13.00 11.05 29.93
C VAL F 9 13.71 12.38 29.74
N GLY F 10 15.02 12.35 29.74
CA GLY F 10 15.84 13.56 29.75
C GLY F 10 16.69 13.62 30.99
N GLY F 11 17.18 14.81 31.33
CA GLY F 11 18.14 15.04 32.45
C GLY F 11 17.41 15.39 33.74
N VAL F 12 18.14 15.71 34.80
CA VAL F 12 17.54 15.99 36.16
C VAL F 12 17.40 17.50 36.37
N GLY F 13 17.96 18.30 35.45
CA GLY F 13 18.03 19.77 35.51
C GLY F 13 16.67 20.43 35.35
N GLY F 14 16.68 21.77 35.40
CA GLY F 14 15.52 22.65 35.18
C GLY F 14 14.64 22.77 36.40
N THR F 15 13.61 23.58 36.26
CA THR F 15 12.60 23.80 37.33
C THR F 15 11.48 22.79 37.12
N PRO F 16 11.14 21.96 38.13
CA PRO F 16 10.05 20.99 38.01
C PRO F 16 8.66 21.57 37.71
N PHE F 17 7.81 20.83 36.98
CA PHE F 17 6.43 21.25 36.61
C PHE F 17 5.55 20.00 36.59
N THR F 18 4.28 20.16 37.01
CA THR F 18 3.18 19.19 36.85
C THR F 18 1.92 19.94 36.39
N PHE F 19 1.46 19.64 35.17
CA PHE F 19 0.21 20.16 34.60
C PHE F 19 -0.82 19.04 34.55
N MET F 20 -1.77 19.07 35.47
CA MET F 20 -3.00 18.20 35.49
C MET F 20 -4.18 18.98 36.10
N GLN F 21 -5.43 18.61 35.78
CA GLN F 21 -6.71 19.21 36.30
C GLN F 21 -7.64 18.05 36.68
N GLU F 22 -8.27 18.10 37.85
CA GLU F 22 -9.19 17.03 38.32
C GLU F 22 -10.35 16.94 37.29
N SER F 23 -10.72 15.71 36.90
CA SER F 23 -11.60 15.29 35.77
C SER F 23 -11.59 16.31 34.62
N GLY F 24 -10.40 16.63 34.11
CA GLY F 24 -10.21 17.43 32.87
C GLY F 24 -8.94 17.08 32.10
N THR F 25 -9.06 16.65 30.85
CA THR F 25 -7.98 16.11 30.00
C THR F 25 -7.40 17.20 29.10
N ILE F 26 -6.28 16.94 28.45
CA ILE F 26 -5.63 17.96 27.56
C ILE F 26 -6.44 18.10 26.27
N THR F 27 -6.73 19.36 25.90
CA THR F 27 -7.50 19.76 24.69
C THR F 27 -6.54 20.39 23.67
N SER F 28 -5.39 20.88 24.11
CA SER F 28 -4.42 21.44 23.19
C SER F 28 -3.02 21.41 23.85
N ILE F 29 -1.99 21.24 23.01
CA ILE F 29 -0.59 21.12 23.49
C ILE F 29 0.29 21.69 22.39
N LYS F 30 1.28 22.50 22.81
CA LYS F 30 2.20 23.17 21.91
C LYS F 30 3.62 22.78 22.27
N PHE F 31 4.46 22.51 21.27
CA PHE F 31 5.90 22.26 21.44
C PHE F 31 6.65 23.31 20.65
N ASN F 32 7.66 23.90 21.29
CA ASN F 32 8.53 24.93 20.71
C ASN F 32 9.92 24.35 20.67
N TRP F 33 10.64 24.49 19.56
CA TRP F 33 11.97 23.87 19.43
C TRP F 33 12.82 24.72 18.48
N SER F 34 14.12 24.48 18.48
CA SER F 34 15.10 25.26 17.72
C SER F 34 15.86 24.29 16.82
N ASP F 35 16.18 24.78 15.62
CA ASP F 35 17.15 24.09 14.75
C ASP F 35 18.55 24.27 15.36
N GLN F 36 18.83 25.43 15.94
CA GLN F 36 20.16 25.77 16.50
C GLN F 36 20.61 24.70 17.50
N TYR F 37 19.80 24.38 18.51
CA TYR F 37 20.17 23.45 19.62
C TYR F 37 19.56 22.04 19.47
N LYS F 38 18.60 21.87 18.56
CA LYS F 38 17.97 20.55 18.27
C LYS F 38 17.36 20.03 19.55
N LEU F 39 16.69 20.93 20.25
CA LEU F 39 16.06 20.69 21.57
C LEU F 39 14.64 21.19 21.55
N LEU F 40 13.78 20.62 22.42
CA LEU F 40 12.57 21.30 22.86
C LEU F 40 12.98 22.35 23.91
N HIS F 41 12.33 23.51 23.87
CA HIS F 41 12.63 24.69 24.74
C HIS F 41 11.41 25.05 25.56
N HIS F 42 10.21 24.83 25.02
CA HIS F 42 8.99 25.35 25.63
C HIS F 42 7.82 24.48 25.24
N ILE F 43 6.90 24.27 26.19
CA ILE F 43 5.63 23.53 26.04
C ILE F 43 4.51 24.37 26.63
N GLU F 44 3.31 24.32 26.05
CA GLU F 44 2.09 24.90 26.65
C GLU F 44 0.96 23.89 26.54
N VAL F 45 0.07 23.95 27.46
CA VAL F 45 -1.05 22.99 27.51
C VAL F 45 -2.29 23.78 27.88
N LYS F 46 -3.44 23.36 27.36
CA LYS F 46 -4.78 23.79 27.84
C LYS F 46 -5.59 22.55 28.12
N PHE F 47 -6.44 22.63 29.11
CA PHE F 47 -7.35 21.55 29.50
C PHE F 47 -8.75 21.96 29.08
N ILE F 48 -9.59 20.93 28.96
CA ILE F 48 -11.08 20.95 28.84
C ILE F 48 -11.68 21.89 29.89
N ASN F 49 -12.63 22.73 29.43
CA ASN F 49 -13.47 23.63 30.24
C ASN F 49 -12.57 24.44 31.18
N ASN F 50 -11.63 25.21 30.64
CA ASN F 50 -10.60 26.02 31.36
C ASN F 50 -9.74 26.72 30.33
N ALA F 51 -9.68 28.05 30.42
CA ALA F 51 -9.13 28.91 29.35
C ALA F 51 -7.70 29.33 29.75
N ASN F 52 -7.20 28.80 30.87
CA ASN F 52 -5.78 29.04 31.27
C ASN F 52 -4.81 28.26 30.39
N ILE F 53 -3.75 28.94 30.00
CA ILE F 53 -2.55 28.37 29.32
C ILE F 53 -1.47 28.11 30.36
N TYR F 54 -1.14 26.84 30.58
CA TYR F 54 -0.04 26.39 31.48
C TYR F 54 1.21 26.19 30.64
N ALA F 55 2.21 27.05 30.81
CA ALA F 55 3.48 27.05 30.04
C ALA F 55 4.66 26.68 30.93
N THR F 56 5.75 26.22 30.34
CA THR F 56 7.04 25.95 31.02
C THR F 56 8.12 26.06 29.96
N GLY F 57 9.29 26.49 30.37
CA GLY F 57 10.46 26.63 29.49
C GLY F 57 10.46 27.98 28.76
N ASP F 58 11.52 28.26 28.06
CA ASP F 58 11.79 29.54 27.38
C ASP F 58 11.38 29.41 25.92
N PRO F 59 10.37 30.18 25.44
CA PRO F 59 9.93 30.08 24.06
C PRO F 59 10.89 30.70 23.05
N LYS F 60 12.13 30.22 22.99
CA LYS F 60 13.21 30.80 22.17
C LYS F 60 13.41 30.02 20.86
N GLY F 61 12.70 28.90 20.66
CA GLY F 61 12.78 28.12 19.43
C GLY F 61 12.20 28.85 18.21
N ASN F 62 12.73 28.56 17.00
CA ASN F 62 12.23 29.13 15.71
C ASN F 62 11.07 28.28 15.11
N HIS F 63 10.53 27.27 15.82
CA HIS F 63 9.43 26.40 15.31
C HIS F 63 8.45 26.11 16.44
N GLU F 64 7.15 26.09 16.17
CA GLU F 64 6.20 25.47 17.13
C GLU F 64 5.20 24.58 16.38
N VAL F 65 4.62 23.60 17.08
CA VAL F 65 3.47 22.79 16.59
C VAL F 65 2.43 22.83 17.65
N ILE F 66 1.19 22.86 17.22
CA ILE F 66 0.02 22.67 18.14
C ILE F 66 -0.73 21.43 17.70
N LEU F 67 -1.09 20.60 18.65
CA LEU F 67 -2.10 19.55 18.44
C LEU F 67 -3.33 19.91 19.27
N GLU F 68 -4.49 19.89 18.63
CA GLU F 68 -5.81 19.99 19.32
C GLU F 68 -6.43 18.60 19.39
N ILE F 69 -7.03 18.26 20.51
CA ILE F 69 -7.54 16.89 20.77
C ILE F 69 -9.05 16.97 21.07
N ASP F 70 -9.87 16.39 20.19
CA ASP F 70 -11.35 16.34 20.33
C ASP F 70 -11.56 15.62 21.66
N ASP F 71 -12.70 15.82 22.32
CA ASP F 71 -12.92 15.32 23.70
C ASP F 71 -12.83 13.78 23.73
N ASP F 72 -13.29 13.11 22.69
CA ASP F 72 -13.36 11.63 22.61
C ASP F 72 -12.13 11.06 21.89
N GLU F 73 -11.05 11.84 21.71
CA GLU F 73 -9.84 11.49 20.90
C GLU F 73 -8.70 11.08 21.84
N THR F 74 -8.12 9.90 21.60
CA THR F 74 -7.01 9.30 22.41
C THR F 74 -5.71 9.40 21.62
N ILE F 75 -4.60 9.20 22.32
CA ILE F 75 -3.26 8.98 21.70
C ILE F 75 -3.14 7.48 21.46
N ILE F 76 -2.91 7.05 20.21
CA ILE F 76 -2.69 5.61 19.89
C ILE F 76 -1.23 5.34 19.62
N GLY F 77 -0.42 6.40 19.32
CA GLY F 77 1.03 6.27 19.08
C GLY F 77 1.78 7.45 19.67
N SER F 78 2.94 7.22 20.27
CA SER F 78 3.65 8.27 21.03
C SER F 78 5.13 7.99 21.21
N VAL F 79 5.99 8.91 20.78
CA VAL F 79 7.48 8.83 20.87
C VAL F 79 8.05 10.14 21.40
N ILE F 80 8.96 10.08 22.36
CA ILE F 80 9.75 11.27 22.81
C ILE F 80 11.20 10.98 22.52
N GLY F 81 11.78 11.84 21.70
CA GLY F 81 13.22 11.87 21.47
C GLY F 81 13.89 12.67 22.58
N TYR F 82 15.06 12.20 23.01
CA TYR F 82 15.80 12.83 24.12
C TYR F 82 17.29 12.48 24.06
N LYS F 83 18.07 13.24 24.83
CA LYS F 83 19.48 12.95 25.20
C LYS F 83 19.45 12.35 26.61
N LYS F 84 20.05 11.15 26.75
CA LYS F 84 20.10 10.43 28.03
C LYS F 84 21.14 11.06 28.94
N GLY F 85 21.04 10.74 30.24
CA GLY F 85 22.01 11.12 31.27
C GLY F 85 21.51 12.24 32.16
N ASN F 86 22.31 12.61 33.17
CA ASN F 86 21.89 13.62 34.20
C ASN F 86 21.78 15.01 33.55
N ASP F 87 22.68 15.33 32.63
CA ASP F 87 22.66 16.60 31.85
C ASP F 87 21.95 16.35 30.51
N GLY F 88 20.94 15.46 30.48
CA GLY F 88 20.09 15.18 29.31
C GLY F 88 19.04 16.27 29.08
N ARG F 89 18.30 16.16 27.97
CA ARG F 89 17.31 17.11 27.41
C ARG F 89 16.23 16.34 26.62
N CYS F 90 15.02 16.88 26.44
CA CYS F 90 14.08 16.41 25.40
C CYS F 90 14.38 17.12 24.10
N THR F 91 14.46 16.33 23.04
CA THR F 91 14.83 16.80 21.71
C THR F 91 13.58 16.82 20.80
N GLY F 92 12.57 16.01 21.05
CA GLY F 92 11.49 15.86 20.05
C GLY F 92 10.28 15.11 20.61
N VAL F 93 9.11 15.28 19.98
CA VAL F 93 7.87 14.51 20.30
C VAL F 93 7.09 14.19 19.02
N LYS F 94 6.51 12.99 18.97
CA LYS F 94 5.75 12.47 17.79
C LYS F 94 4.48 11.92 18.41
N LEU F 95 3.30 12.43 18.04
CA LEU F 95 2.02 11.92 18.56
C LEU F 95 1.13 11.54 17.37
N THR F 96 0.33 10.48 17.54
CA THR F 96 -0.69 10.01 16.59
C THR F 96 -1.95 9.69 17.39
N THR F 97 -3.13 10.08 16.86
CA THR F 97 -4.41 10.02 17.61
C THR F 97 -5.35 9.00 16.97
N SER F 98 -6.40 8.62 17.72
CA SER F 98 -7.49 7.72 17.27
C SER F 98 -8.24 8.30 16.09
N LYS F 99 -7.98 9.55 15.70
CA LYS F 99 -8.71 10.18 14.55
C LYS F 99 -7.72 10.43 13.41
N GLY F 100 -6.54 9.80 13.43
CA GLY F 100 -5.60 9.89 12.32
C GLY F 100 -4.86 11.20 12.27
N LYS F 101 -4.91 12.03 13.32
CA LYS F 101 -4.05 13.24 13.42
C LYS F 101 -2.65 12.83 13.88
N SER F 102 -1.59 13.37 13.30
CA SER F 102 -0.23 13.18 13.83
C SER F 102 0.58 14.45 13.65
N ILE F 103 1.47 14.64 14.61
CA ILE F 103 2.38 15.82 14.72
C ILE F 103 3.76 15.30 15.03
N MET F 104 4.73 16.09 14.64
CA MET F 104 6.16 15.80 14.81
C MET F 104 6.72 17.15 15.23
N ALA F 105 7.34 17.24 16.42
CA ALA F 105 8.16 18.40 16.82
C ALA F 105 9.60 18.01 17.10
N GLY F 106 10.57 18.77 16.59
CA GLY F 106 11.98 18.70 17.02
C GLY F 106 12.74 17.54 16.42
N TYR F 107 13.70 17.00 17.19
CA TYR F 107 14.69 16.05 16.64
C TYR F 107 14.71 14.77 17.46
N PHE F 108 15.29 13.77 16.83
CA PHE F 108 15.25 12.35 17.21
C PHE F 108 16.62 11.76 16.89
N GLU F 109 17.72 12.38 17.31
CA GLU F 109 19.06 11.92 16.88
C GLU F 109 19.73 11.02 17.91
N GLU F 110 19.17 10.86 19.12
CA GLU F 110 19.91 10.05 20.13
C GLU F 110 19.06 8.90 20.68
N SER F 111 18.23 9.17 21.68
CA SER F 111 17.42 8.17 22.44
C SER F 111 15.93 8.41 22.18
N LEU F 112 15.12 7.40 22.32
CA LEU F 112 13.66 7.35 22.01
C LEU F 112 12.98 6.61 23.12
N ILE F 113 11.80 7.04 23.52
CA ILE F 113 10.84 6.17 24.23
C ILE F 113 9.54 6.11 23.44
N THR F 114 8.96 4.91 23.36
CA THR F 114 7.63 4.63 22.81
C THR F 114 6.78 4.40 24.05
N THR F 115 5.90 5.34 24.33
CA THR F 115 5.29 5.47 25.64
C THR F 115 4.04 4.62 25.69
N TYR F 116 3.51 4.51 26.89
CA TYR F 116 2.07 4.19 27.08
C TYR F 116 1.24 5.06 26.14
N THR F 117 0.07 4.55 25.82
CA THR F 117 -1.00 5.17 24.99
C THR F 117 -2.24 5.34 25.83
N GLY F 118 -3.20 6.14 25.36
CA GLY F 118 -4.52 6.34 26.01
C GLY F 118 -4.94 7.80 25.95
N LYS F 119 -5.82 8.23 26.84
CA LYS F 119 -6.33 9.61 26.82
C LYS F 119 -5.31 10.52 27.52
N LEU F 120 -4.75 11.50 26.82
CA LEU F 120 -3.69 12.38 27.38
C LEU F 120 -4.28 13.34 28.42
N ALA F 121 -3.89 13.21 29.70
CA ALA F 121 -4.50 13.94 30.86
C ALA F 121 -3.54 14.99 31.39
N GLY F 122 -2.24 14.85 31.20
CA GLY F 122 -1.29 15.80 31.77
C GLY F 122 0.10 15.56 31.28
N ILE F 123 1.03 16.41 31.72
CA ILE F 123 2.49 16.24 31.49
C ILE F 123 3.26 16.67 32.76
N LYS F 124 4.45 16.10 32.96
CA LYS F 124 5.29 16.36 34.15
C LYS F 124 6.72 16.44 33.65
N GLY F 125 7.61 17.11 34.36
CA GLY F 125 9.03 17.13 34.00
C GLY F 125 9.77 18.27 34.62
N GLY F 126 10.76 18.80 33.91
CA GLY F 126 11.50 19.98 34.31
C GLY F 126 11.92 20.76 33.10
N ALA F 127 12.12 22.07 33.27
CA ALA F 127 12.48 23.01 32.20
C ALA F 127 13.09 24.29 32.78
N GLY F 128 14.04 24.85 32.05
CA GLY F 128 14.55 26.21 32.24
C GLY F 128 14.65 26.90 30.89
N SER F 129 15.86 26.97 30.31
CA SER F 129 16.08 27.44 28.93
C SER F 129 15.59 26.39 27.95
N ASP F 130 15.56 25.12 28.41
CA ASP F 130 15.25 23.94 27.57
C ASP F 130 14.18 23.10 28.31
N ILE F 131 13.57 22.14 27.63
CA ILE F 131 12.84 21.05 28.31
C ILE F 131 13.86 20.01 28.74
N ASP F 132 14.23 19.98 30.01
CA ASP F 132 15.27 19.06 30.54
C ASP F 132 14.69 17.65 30.46
N ARG F 133 13.39 17.52 30.74
CA ARG F 133 12.78 16.24 31.08
C ARG F 133 11.26 16.30 30.86
N LEU F 134 10.66 15.20 30.33
CA LEU F 134 9.22 15.15 29.99
C LEU F 134 8.64 13.72 30.17
N GLY F 135 7.49 13.65 30.77
CA GLY F 135 6.70 12.43 30.90
C GLY F 135 5.24 12.77 30.70
N LEU F 136 4.55 11.91 29.98
CA LEU F 136 3.14 12.08 29.64
C LEU F 136 2.38 11.40 30.76
N ILE F 137 1.11 11.71 30.91
CA ILE F 137 0.20 11.17 31.95
C ILE F 137 -1.12 10.86 31.26
N PHE F 138 -1.65 9.66 31.41
CA PHE F 138 -2.90 9.17 30.75
C PHE F 138 -3.95 8.80 31.80
N LEU F 139 -5.22 8.68 31.38
CA LEU F 139 -6.34 8.06 32.14
C LEU F 139 -6.29 6.53 32.10
N LYS F 140 -7.36 5.90 32.64
CA LYS F 140 -7.78 4.47 32.52
C LYS F 140 -9.28 4.41 32.16
N ASP G 1 -21.38 26.63 24.53
CA ASP G 1 -21.53 27.21 23.15
C ASP G 1 -22.10 26.10 22.26
N ASN G 2 -22.49 26.44 21.04
CA ASN G 2 -22.95 25.48 19.98
C ASN G 2 -21.70 25.05 19.13
N TYR G 3 -20.53 25.63 19.44
CA TYR G 3 -19.35 25.79 18.54
C TYR G 3 -18.04 25.39 19.25
N ILE G 4 -17.05 24.96 18.46
CA ILE G 4 -15.67 24.62 18.86
C ILE G 4 -14.72 25.57 18.13
N TYR G 5 -13.88 26.32 18.84
CA TYR G 5 -13.00 27.32 18.22
C TYR G 5 -11.59 26.77 18.15
N SER G 6 -11.02 26.54 16.96
CA SER G 6 -9.57 26.23 16.76
C SER G 6 -8.79 27.47 17.16
N THR G 7 -7.54 27.28 17.59
CA THR G 7 -6.60 28.37 17.91
C THR G 7 -6.38 29.16 16.65
N GLU G 8 -6.51 30.49 16.75
CA GLU G 8 -6.08 31.42 15.68
C GLU G 8 -4.57 31.44 15.67
N VAL G 9 -3.93 31.21 14.54
CA VAL G 9 -2.46 31.12 14.46
C VAL G 9 -2.03 32.15 13.46
N GLY G 10 -0.79 32.63 13.56
CA GLY G 10 -0.25 33.74 12.80
C GLY G 10 -0.06 34.95 13.72
N GLY G 11 0.03 36.15 13.14
CA GLY G 11 0.37 37.42 13.83
C GLY G 11 -0.85 38.13 14.36
N VAL G 12 -0.69 39.34 14.94
CA VAL G 12 -1.82 40.15 15.50
C VAL G 12 -2.30 41.18 14.47
N GLY G 13 -1.55 41.33 13.39
CA GLY G 13 -1.72 42.31 12.31
C GLY G 13 -2.99 42.03 11.51
N GLY G 14 -3.24 42.93 10.56
CA GLY G 14 -4.38 42.85 9.66
C GLY G 14 -5.67 43.41 10.24
N THR G 15 -6.68 43.48 9.41
CA THR G 15 -8.04 43.89 9.78
C THR G 15 -8.80 42.65 10.23
N PRO G 16 -9.42 42.64 11.43
CA PRO G 16 -10.15 41.47 11.92
C PRO G 16 -11.37 41.08 11.06
N PHE G 17 -11.69 39.79 10.99
CA PHE G 17 -12.83 39.26 10.19
C PHE G 17 -13.40 38.05 10.90
N THR G 18 -14.71 37.90 10.86
CA THR G 18 -15.47 36.71 11.34
C THR G 18 -16.51 36.37 10.26
N PHE G 19 -16.33 35.23 9.61
CA PHE G 19 -17.25 34.64 8.63
C PHE G 19 -17.92 33.46 9.27
N MET G 20 -19.15 33.70 9.78
CA MET G 20 -20.15 32.76 10.29
C MET G 20 -21.53 33.31 9.97
N GLN G 21 -22.55 32.45 9.90
CA GLN G 21 -23.97 32.77 9.61
C GLN G 21 -24.83 31.83 10.45
N GLU G 22 -25.88 32.34 11.12
CA GLU G 22 -26.95 31.47 11.69
C GLU G 22 -27.59 30.67 10.52
N SER G 23 -27.74 31.29 9.33
CA SER G 23 -28.21 30.65 8.06
C SER G 23 -27.03 29.91 7.37
N GLY G 24 -26.35 28.98 8.09
CA GLY G 24 -25.67 27.81 7.45
C GLY G 24 -24.23 27.48 7.89
N THR G 25 -23.75 26.31 7.48
CA THR G 25 -22.33 25.87 7.54
C THR G 25 -21.59 26.23 6.25
N ILE G 26 -20.25 26.08 6.19
CA ILE G 26 -19.53 26.45 4.96
C ILE G 26 -19.81 25.42 3.83
N THR G 27 -20.13 25.92 2.62
CA THR G 27 -20.39 25.13 1.39
C THR G 27 -19.20 25.28 0.41
N SER G 28 -18.42 26.35 0.54
CA SER G 28 -17.26 26.52 -0.33
C SER G 28 -16.27 27.49 0.31
N ILE G 29 -14.98 27.27 0.08
CA ILE G 29 -13.88 28.08 0.68
C ILE G 29 -12.74 28.08 -0.30
N LYS G 30 -12.14 29.25 -0.50
CA LYS G 30 -11.03 29.47 -1.45
C LYS G 30 -9.82 30.04 -0.72
N PHE G 31 -8.62 29.57 -1.08
CA PHE G 31 -7.35 30.09 -0.58
C PHE G 31 -6.56 30.55 -1.77
N ASN G 32 -5.97 31.76 -1.68
CA ASN G 32 -5.11 32.37 -2.71
C ASN G 32 -3.74 32.52 -2.06
N TRP G 33 -2.67 32.19 -2.76
CA TRP G 33 -1.32 32.23 -2.16
C TRP G 33 -0.29 32.51 -3.25
N SER G 34 0.94 32.85 -2.85
CA SER G 34 2.02 33.23 -3.78
C SER G 34 3.21 32.33 -3.55
N ASP G 35 3.88 32.00 -4.63
CA ASP G 35 5.23 31.38 -4.56
C ASP G 35 6.22 32.43 -4.08
N GLN G 36 6.05 33.66 -4.53
CA GLN G 36 6.97 34.78 -4.25
C GLN G 36 7.16 34.96 -2.73
N TYR G 37 6.08 35.08 -1.97
CA TYR G 37 6.11 35.39 -0.51
C TYR G 37 5.85 34.15 0.37
N LYS G 38 5.37 33.06 -0.22
CA LYS G 38 5.15 31.77 0.49
C LYS G 38 4.16 32.07 1.60
N LEU G 39 3.11 32.84 1.27
CA LEU G 39 2.06 33.23 2.20
C LEU G 39 0.69 32.95 1.62
N LEU G 40 -0.30 32.79 2.48
CA LEU G 40 -1.70 33.01 2.09
C LEU G 40 -1.95 34.52 2.06
N HIS G 41 -2.71 34.99 1.07
CA HIS G 41 -2.97 36.44 0.80
C HIS G 41 -4.46 36.73 0.87
N HIS G 42 -5.31 35.76 0.50
CA HIS G 42 -6.74 36.06 0.27
C HIS G 42 -7.52 34.76 0.45
N ILE G 43 -8.69 34.88 1.06
CA ILE G 43 -9.65 33.81 1.36
C ILE G 43 -11.04 34.28 0.93
N GLU G 44 -11.91 33.37 0.47
CA GLU G 44 -13.34 33.63 0.24
C GLU G 44 -14.14 32.47 0.74
N VAL G 45 -15.36 32.72 1.14
CA VAL G 45 -16.18 31.69 1.81
C VAL G 45 -17.61 31.91 1.34
N LYS G 46 -18.38 30.83 1.14
CA LYS G 46 -19.84 30.89 0.95
C LYS G 46 -20.44 29.92 1.93
N PHE G 47 -21.64 30.26 2.40
CA PHE G 47 -22.42 29.41 3.32
C PHE G 47 -23.57 28.83 2.51
N ILE G 48 -24.12 27.75 3.04
CA ILE G 48 -25.43 27.13 2.71
C ILE G 48 -26.54 28.21 2.71
N ASN G 49 -27.38 28.18 1.67
CA ASN G 49 -28.61 29.00 1.49
C ASN G 49 -28.22 30.47 1.73
N ASN G 50 -27.28 30.98 0.93
CA ASN G 50 -26.71 32.36 1.00
C ASN G 50 -25.67 32.49 -0.12
N ALA G 51 -25.90 33.45 -1.00
CA ALA G 51 -25.23 33.56 -2.30
C ALA G 51 -24.16 34.64 -2.19
N ASN G 52 -23.98 35.22 -0.99
CA ASN G 52 -22.89 36.22 -0.78
C ASN G 52 -21.55 35.47 -0.68
N ILE G 53 -20.56 36.08 -1.30
CA ILE G 53 -19.12 35.75 -1.12
C ILE G 53 -18.56 36.71 -0.07
N TYR G 54 -18.11 36.15 1.05
CA TYR G 54 -17.36 36.84 2.12
C TYR G 54 -15.87 36.66 1.84
N ALA G 55 -15.20 37.73 1.44
CA ALA G 55 -13.77 37.78 1.06
C ALA G 55 -13.00 38.59 2.11
N THR G 56 -11.69 38.38 2.17
CA THR G 56 -10.76 39.21 2.98
C THR G 56 -9.39 39.00 2.36
N GLY G 57 -8.53 40.00 2.48
CA GLY G 57 -7.14 39.91 2.03
C GLY G 57 -7.04 40.35 0.58
N ASP G 58 -5.81 40.52 0.11
CA ASP G 58 -5.51 41.03 -1.24
C ASP G 58 -5.26 39.84 -2.17
N PRO G 59 -6.07 39.63 -3.23
CA PRO G 59 -5.91 38.49 -4.12
C PRO G 59 -4.71 38.61 -5.05
N LYS G 60 -3.50 38.75 -4.50
CA LYS G 60 -2.27 39.05 -5.26
C LYS G 60 -1.43 37.78 -5.42
N GLY G 61 -1.87 36.63 -4.89
CA GLY G 61 -1.19 35.35 -5.13
C GLY G 61 -1.31 34.88 -6.57
N ASN G 62 -0.31 34.11 -7.07
CA ASN G 62 -0.33 33.46 -8.42
C ASN G 62 -1.04 32.08 -8.40
N HIS G 63 -1.67 31.65 -7.29
CA HIS G 63 -2.36 30.32 -7.17
C HIS G 63 -3.64 30.46 -6.36
N GLU G 64 -4.71 29.79 -6.67
CA GLU G 64 -5.86 29.62 -5.73
C GLU G 64 -6.36 28.15 -5.77
N VAL G 65 -7.03 27.70 -4.70
CA VAL G 65 -7.75 26.40 -4.63
C VAL G 65 -9.10 26.69 -4.06
N ILE G 66 -10.09 25.93 -4.47
CA ILE G 66 -11.45 25.95 -3.87
C ILE G 66 -11.78 24.56 -3.39
N LEU G 67 -12.34 24.44 -2.19
CA LEU G 67 -12.99 23.19 -1.76
C LEU G 67 -14.48 23.48 -1.62
N GLU G 68 -15.28 22.61 -2.22
CA GLU G 68 -16.74 22.61 -2.08
C GLU G 68 -17.11 21.47 -1.15
N ILE G 69 -18.11 21.68 -0.30
CA ILE G 69 -18.45 20.73 0.79
C ILE G 69 -19.92 20.35 0.68
N ASP G 70 -20.20 19.06 0.47
CA ASP G 70 -21.58 18.49 0.41
C ASP G 70 -22.17 18.85 1.78
N ASP G 71 -23.49 18.94 1.92
CA ASP G 71 -24.15 19.40 3.17
C ASP G 71 -23.80 18.44 4.32
N ASP G 72 -23.68 17.15 4.07
CA ASP G 72 -23.44 16.12 5.12
C ASP G 72 -21.93 15.84 5.26
N GLU G 73 -21.01 16.65 4.68
CA GLU G 73 -19.56 16.36 4.59
C GLU G 73 -18.77 17.16 5.65
N THR G 74 -17.95 16.46 6.44
CA THR G 74 -17.17 17.02 7.59
C THR G 74 -15.70 17.10 7.21
N ILE G 75 -14.93 17.86 7.97
CA ILE G 75 -13.45 17.91 7.88
C ILE G 75 -12.92 16.83 8.83
N ILE G 76 -12.13 15.88 8.36
CA ILE G 76 -11.55 14.80 9.24
C ILE G 76 -10.07 15.09 9.48
N GLY G 77 -9.44 15.95 8.67
CA GLY G 77 -8.00 16.27 8.73
C GLY G 77 -7.78 17.72 8.39
N SER G 78 -6.93 18.42 9.14
CA SER G 78 -6.88 19.89 9.03
C SER G 78 -5.59 20.46 9.64
N VAL G 79 -4.80 21.16 8.83
CA VAL G 79 -3.43 21.64 9.19
C VAL G 79 -3.26 23.05 8.62
N ILE G 80 -2.78 23.99 9.44
CA ILE G 80 -2.45 25.36 8.99
C ILE G 80 -0.99 25.56 9.28
N GLY G 81 -0.27 25.85 8.21
CA GLY G 81 1.11 26.29 8.29
C GLY G 81 1.14 27.79 8.52
N TYR G 82 2.07 28.24 9.34
CA TYR G 82 2.17 29.67 9.72
C TYR G 82 3.57 30.01 10.20
N LYS G 83 3.86 31.31 10.24
CA LYS G 83 4.99 31.94 10.99
C LYS G 83 4.47 32.47 12.30
N LYS G 84 5.11 32.06 13.40
CA LYS G 84 4.67 32.38 14.79
C LYS G 84 4.98 33.85 15.12
N GLY G 85 4.34 34.35 16.17
CA GLY G 85 4.67 35.65 16.81
C GLY G 85 3.76 36.80 16.40
N ASN G 86 4.06 38.01 16.84
CA ASN G 86 3.23 39.23 16.67
C ASN G 86 3.20 39.62 15.18
N ASP G 87 4.37 39.55 14.53
CA ASP G 87 4.58 39.85 13.10
C ASP G 87 4.42 38.56 12.27
N GLY G 88 3.65 37.57 12.76
CA GLY G 88 3.41 36.30 12.03
C GLY G 88 2.38 36.43 10.90
N ARG G 89 2.25 35.33 10.14
CA ARG G 89 1.45 35.18 8.88
C ARG G 89 0.98 33.72 8.75
N CYS G 90 -0.16 33.44 8.09
CA CYS G 90 -0.51 32.09 7.63
C CYS G 90 0.13 31.82 6.29
N THR G 91 0.79 30.67 6.18
CA THR G 91 1.61 30.30 5.01
C THR G 91 0.91 29.23 4.21
N GLY G 92 0.05 28.41 4.82
CA GLY G 92 -0.47 27.21 4.13
C GLY G 92 -1.65 26.62 4.84
N VAL G 93 -2.47 25.84 4.10
CA VAL G 93 -3.62 25.08 4.68
C VAL G 93 -3.74 23.75 3.94
N LYS G 94 -4.07 22.70 4.67
CA LYS G 94 -4.33 21.35 4.11
C LYS G 94 -5.64 20.93 4.77
N LEU G 95 -6.64 20.59 3.97
CA LEU G 95 -7.95 20.12 4.44
C LEU G 95 -8.28 18.79 3.78
N THR G 96 -8.89 17.88 4.54
CA THR G 96 -9.30 16.52 4.07
C THR G 96 -10.67 16.24 4.68
N THR G 97 -11.59 15.70 3.88
CA THR G 97 -13.02 15.57 4.25
C THR G 97 -13.44 14.11 4.44
N SER G 98 -14.58 13.89 5.08
CA SER G 98 -15.21 12.56 5.31
C SER G 98 -15.54 11.88 3.97
N LYS G 99 -15.40 12.56 2.83
CA LYS G 99 -15.70 11.97 1.50
C LYS G 99 -14.41 11.82 0.69
N GLY G 100 -13.26 11.89 1.33
CA GLY G 100 -11.98 11.59 0.66
C GLY G 100 -11.48 12.76 -0.18
N LYS G 101 -12.12 13.93 -0.13
CA LYS G 101 -11.67 15.14 -0.85
C LYS G 101 -10.55 15.83 -0.07
N SER G 102 -9.54 16.37 -0.74
CA SER G 102 -8.55 17.21 -0.03
C SER G 102 -8.06 18.35 -0.94
N ILE G 103 -7.59 19.41 -0.30
CA ILE G 103 -6.90 20.57 -0.94
C ILE G 103 -5.68 20.90 -0.11
N MET G 104 -4.73 21.52 -0.76
CA MET G 104 -3.42 21.87 -0.22
C MET G 104 -3.17 23.26 -0.82
N ALA G 105 -3.01 24.29 0.01
CA ALA G 105 -2.62 25.64 -0.45
C ALA G 105 -1.36 26.09 0.28
N GLY G 106 -0.40 26.57 -0.51
CA GLY G 106 0.72 27.37 0.04
C GLY G 106 1.81 26.50 0.68
N TYR G 107 2.45 27.02 1.74
CA TYR G 107 3.71 26.47 2.26
C TYR G 107 3.58 26.19 3.77
N PHE G 108 4.52 25.37 4.24
CA PHE G 108 4.54 24.71 5.56
C PHE G 108 6.00 24.69 6.05
N GLU G 109 6.69 25.81 6.04
CA GLU G 109 8.16 25.85 6.24
C GLU G 109 8.48 26.22 7.70
N GLU G 110 7.49 26.67 8.51
CA GLU G 110 7.87 27.06 9.89
C GLU G 110 7.13 26.26 10.97
N SER G 111 5.91 26.69 11.30
CA SER G 111 5.04 26.18 12.41
C SER G 111 3.78 25.57 11.80
N LEU G 112 3.10 24.69 12.54
CA LEU G 112 1.91 23.92 12.11
C LEU G 112 0.95 23.86 13.28
N ILE G 113 -0.33 23.91 13.01
CA ILE G 113 -1.36 23.41 13.94
C ILE G 113 -2.19 22.33 13.22
N THR G 114 -2.48 21.25 13.94
CA THR G 114 -3.41 20.21 13.54
C THR G 114 -4.62 20.46 14.43
N THR G 115 -5.70 20.85 13.80
CA THR G 115 -6.82 21.47 14.50
C THR G 115 -7.78 20.38 14.90
N TYR G 116 -8.75 20.79 15.71
CA TYR G 116 -10.00 20.06 15.89
C TYR G 116 -10.54 19.73 14.49
N THR G 117 -11.38 18.70 14.46
CA THR G 117 -12.09 18.22 13.26
C THR G 117 -13.59 18.31 13.50
N GLY G 118 -14.39 18.24 12.43
CA GLY G 118 -15.86 18.22 12.51
C GLY G 118 -16.45 19.01 11.38
N LYS G 119 -17.72 19.43 11.51
CA LYS G 119 -18.39 20.22 10.45
C LYS G 119 -17.91 21.66 10.52
N LEU G 120 -17.28 22.15 9.45
CA LEU G 120 -16.73 23.51 9.35
C LEU G 120 -17.89 24.53 9.26
N ALA G 121 -18.00 25.40 10.29
CA ALA G 121 -19.05 26.47 10.37
C ALA G 121 -18.52 27.85 10.04
N GLY G 122 -17.24 28.10 10.19
CA GLY G 122 -16.69 29.37 9.68
C GLY G 122 -15.25 29.56 10.05
N ILE G 123 -14.77 30.75 9.80
CA ILE G 123 -13.36 31.17 10.00
C ILE G 123 -13.29 32.57 10.60
N LYS G 124 -12.21 32.86 11.32
CA LYS G 124 -11.98 34.12 12.06
C LYS G 124 -10.51 34.44 11.85
N GLY G 125 -10.11 35.70 11.96
CA GLY G 125 -8.70 36.03 11.88
C GLY G 125 -8.49 37.49 11.56
N GLY G 126 -7.41 37.78 10.90
CA GLY G 126 -7.08 39.10 10.42
C GLY G 126 -6.35 38.99 9.09
N ALA G 127 -6.59 39.97 8.21
CA ALA G 127 -5.93 40.06 6.89
C ALA G 127 -5.81 41.53 6.45
N GLY G 128 -4.75 41.82 5.72
CA GLY G 128 -4.61 43.01 4.88
C GLY G 128 -4.10 42.63 3.52
N SER G 129 -2.81 42.81 3.28
CA SER G 129 -2.09 42.35 2.06
C SER G 129 -1.97 40.81 2.09
N ASP G 130 -1.98 40.27 3.29
CA ASP G 130 -1.79 38.82 3.54
C ASP G 130 -2.80 38.36 4.57
N ILE G 131 -2.94 37.06 4.72
CA ILE G 131 -3.68 36.47 5.86
C ILE G 131 -2.71 36.47 7.06
N ASP G 132 -2.86 37.41 7.97
CA ASP G 132 -1.99 37.54 9.15
C ASP G 132 -2.25 36.34 10.05
N ARG G 133 -3.51 35.93 10.12
CA ARG G 133 -4.04 35.12 11.24
C ARG G 133 -5.31 34.38 10.81
N LEU G 134 -5.48 33.12 11.24
CA LEU G 134 -6.66 32.26 10.92
C LEU G 134 -6.98 31.25 12.04
N GLY G 135 -8.23 31.12 12.33
CA GLY G 135 -8.79 30.13 13.26
C GLY G 135 -10.08 29.59 12.67
N LEU G 136 -10.21 28.28 12.71
CA LEU G 136 -11.32 27.55 12.10
C LEU G 136 -12.33 27.44 13.20
N ILE G 137 -13.59 27.22 12.83
CA ILE G 137 -14.71 27.14 13.81
C ILE G 137 -15.59 25.99 13.38
N PHE G 138 -15.94 25.08 14.29
CA PHE G 138 -16.70 23.84 13.98
C PHE G 138 -17.96 23.75 14.82
N LEU G 139 -18.91 22.85 14.50
CA LEU G 139 -20.08 22.52 15.35
C LEU G 139 -19.73 21.45 16.37
N LYS G 140 -20.70 20.91 17.14
CA LYS G 140 -20.69 19.57 17.81
C LYS G 140 -22.01 18.81 17.53
#